data_9FQU
#
_entry.id   9FQU
#
_cell.length_a   1.00
_cell.length_b   1.00
_cell.length_c   1.00
_cell.angle_alpha   90.00
_cell.angle_beta   90.00
_cell.angle_gamma   90.00
#
_symmetry.space_group_name_H-M   'P 1'
#
loop_
_entity.id
_entity.type
_entity.pdbx_description
1 polymer 'High affinity cationic amino acid transporter 1,Green fluorescent protein'
2 polymer 'Surface protein'
3 branched alpha-D-mannopyranose-(1-3)-beta-D-mannopyranose-(1-4)-2-acetamido-2-deoxy-beta-D-glucopyranose-(1-4)-[alpha-L-fucopyranose-(1-6)]2-acetamido-2-deoxy-beta-D-glucopyranose
4 branched beta-D-mannopyranose-(1-4)-2-acetamido-2-deoxy-beta-D-glucopyranose-(1-4)-2-acetamido-2-deoxy-beta-D-glucopyranose
5 branched 2-acetamido-2-deoxy-beta-D-glucopyranose-(1-4)-2-acetamido-2-deoxy-beta-D-glucopyranose
6 non-polymer 2-acetamido-2-deoxy-beta-D-glucopyranose
7 non-polymer 'CHOLESTEROL HEMISUCCINATE'
8 non-polymer ARGININE
9 water water
#
loop_
_entity_poly.entity_id
_entity_poly.type
_entity_poly.pdbx_seq_one_letter_code
_entity_poly.pdbx_strand_id
1 'polypeptide(L)'
;MLRRKVVDCSREESRLSRCLNTYDLVALGVGSTLGAGVYVLAGAVARENAGPAIVISFLIAALASVLAGLCYGEFGARVP
KTGSAYLYSYVTVGELWAFITGWNLILSYIIGTSSVARAWSATFDELIGKPIGEFSRQHMALNAPGVLAQTPDIFAVIII
IILTGLLTLGVKESAMVNKIFTCINVLVLCFIVVSGFVKGSIKNWQLTEKNFSCNNNDTNVKYGEGGFMPFGFSGVLSGA
ATCFYAFVGFDCIATTGEEVKNPQKAIPVGIVASLLICFIAYFGVSAALTLMMPYFCLDIDSPLPGAFKHQGWEEAKYAV
AIGSLCALSTSLLGSMFPMPRVIYAMAEDGLLFKFLAKINNRTKTPVIATVTSGAIAAVMAFLFELKDLVDLMSIGTLLA
YSLVAACVLVLRYQPEQPNLVYQMARTTEELDRVDQNELVSASESQTGFLPVAEKFSLKSILSPKNVEPSKFSGLIVNIS
AGLLAALIITVCIVAVLGREALAEGTLWAVFVMTGSVLLCMLVTGIIWRQPESKTKLSFKVPFVPVLPVLSIFVNIYLMM
QLDQGTWVRFAVWMLIGFTIYFGYGIWHSEEASLAAGQAKTPDSNLDQCKAENLYFQSGSAVSKGEELFTGVVPILVELD
GDVNGHKFSVSGEGEGDATYGKLTLKFICTTGKLPVPWPTLVTTLTYGVQCFSRYPDHMKQHDFFKSAMPEGYVQERTIF
FKDDGNYKTRAEVKFEGDTLVNRIELKGIDFKEDGNILGHKLEYNYNSHNVYIMADKQKNGIKVNFKIRHNIEDGSVQLA
DHYQQNTPIGDGPVLLPDNHYLSTQSKLSKDPNEKRDHMVLLEFVTAAGITLGMDELYKSGLRSWSHPQFEKGGGSGGGS
GGSAWSHPQFEKHHHHHHHHHH
;
A
2 'polypeptide(L)'
;MGILPSPGMPALLSLVSLLSVLLMGCVAETGAAPGSSPHQVYNITWEVTNGDRETVWAISGNHPLWTWWPVLTPDLCMLA
LSGPPHWGLEYQAPYSSPPGPPCCSGSSGSSAGCSRDCDEPLTSLTPRCNTAWNRLKLDQVTHKSSEGFYVCPGSHRPRE
AKSCGGPDSFYCASWGCETTGRVYWKPSSSWDYITVDNNLTTSQAVQVCKDNKWCNPLAIQFTNAGKQVTSWTTGHYWGL
RLYVSGRDPGLTFGIRLRYQNLGPRVPGTKHHHHHH
;
B
#
# COMPACT_ATOMS: atom_id res chain seq x y z
N MET A 1 16.76 32.88 6.70
CA MET A 1 16.15 31.60 6.37
C MET A 1 14.72 31.78 5.86
N LEU A 2 14.08 32.88 6.28
CA LEU A 2 12.67 33.12 6.00
C LEU A 2 12.47 34.36 5.13
N ARG A 3 13.47 34.71 4.32
CA ARG A 3 13.33 35.85 3.41
C ARG A 3 12.27 35.53 2.35
N ARG A 4 11.50 36.54 1.99
CA ARG A 4 10.36 36.40 1.09
C ARG A 4 10.55 37.28 -0.14
N LYS A 5 10.00 36.81 -1.26
CA LYS A 5 10.20 37.47 -2.55
C LYS A 5 9.10 38.48 -2.84
N VAL A 6 9.42 39.44 -3.70
CA VAL A 6 8.47 40.38 -4.25
C VAL A 6 8.03 39.85 -5.62
N VAL A 7 6.75 39.51 -5.75
CA VAL A 7 6.24 38.93 -6.99
C VAL A 7 6.37 39.95 -8.12
N CYS A 19 -5.09 31.69 -26.35
CA CYS A 19 -5.06 31.29 -24.95
C CYS A 19 -5.51 29.85 -24.79
N LEU A 20 -5.46 29.36 -23.55
CA LEU A 20 -5.83 27.99 -23.22
C LEU A 20 -7.11 27.98 -22.40
N ASN A 21 -8.08 27.19 -22.84
CA ASN A 21 -9.34 27.04 -22.13
C ASN A 21 -9.22 25.97 -21.06
N THR A 22 -10.28 25.79 -20.27
CA THR A 22 -10.27 24.75 -19.23
C THR A 22 -10.07 23.38 -19.84
N TYR A 23 -10.67 23.13 -21.01
CA TYR A 23 -10.50 21.84 -21.66
C TYR A 23 -9.06 21.61 -22.09
N ASP A 24 -8.38 22.67 -22.55
CA ASP A 24 -6.97 22.53 -22.87
C ASP A 24 -6.14 22.16 -21.64
N LEU A 25 -6.44 22.79 -20.50
CA LEU A 25 -5.75 22.45 -19.27
C LEU A 25 -6.03 21.00 -18.87
N VAL A 26 -7.27 20.55 -19.04
CA VAL A 26 -7.61 19.16 -18.72
C VAL A 26 -6.84 18.22 -19.61
N ALA A 27 -6.74 18.53 -20.91
CA ALA A 27 -5.97 17.69 -21.82
C ALA A 27 -4.51 17.64 -21.43
N LEU A 28 -3.93 18.80 -21.09
CA LEU A 28 -2.53 18.83 -20.68
C LEU A 28 -2.31 18.00 -19.42
N GLY A 29 -3.20 18.12 -18.45
CA GLY A 29 -3.05 17.36 -17.21
C GLY A 29 -3.19 15.87 -17.42
N VAL A 30 -4.20 15.47 -18.20
CA VAL A 30 -4.41 14.03 -18.45
C VAL A 30 -3.24 13.45 -19.22
N GLY A 31 -2.75 14.16 -20.24
CA GLY A 31 -1.62 13.66 -20.99
C GLY A 31 -0.37 13.50 -20.14
N SER A 32 -0.16 14.43 -19.20
CA SER A 32 1.00 14.39 -18.32
C SER A 32 0.84 13.43 -17.16
N THR A 33 -0.39 12.98 -16.88
CA THR A 33 -0.66 12.08 -15.76
C THR A 33 -0.74 10.62 -16.20
N LEU A 34 -1.57 10.30 -17.19
CA LEU A 34 -1.65 8.95 -17.69
C LEU A 34 -0.30 8.52 -18.27
N GLY A 35 0.12 7.30 -17.93
CA GLY A 35 1.40 6.80 -18.40
C GLY A 35 1.82 5.51 -17.73
N ALA A 36 3.05 5.48 -17.21
CA ALA A 36 3.58 4.27 -16.61
C ALA A 36 2.76 3.79 -15.42
N GLY A 37 1.97 4.67 -14.81
CA GLY A 37 1.20 4.27 -13.64
C GLY A 37 0.19 3.18 -13.95
N VAL A 38 -0.44 3.25 -15.11
CA VAL A 38 -1.50 2.32 -15.49
C VAL A 38 -0.99 1.22 -16.41
N TYR A 39 -0.16 1.56 -17.38
CA TYR A 39 0.25 0.59 -18.39
C TYR A 39 1.27 -0.41 -17.88
N VAL A 40 2.07 -0.03 -16.88
CA VAL A 40 3.17 -0.85 -16.39
C VAL A 40 3.01 -1.19 -14.91
N LEU A 41 2.74 -0.17 -14.09
CA LEU A 41 2.76 -0.33 -12.65
C LEU A 41 1.46 -0.89 -12.07
N ALA A 42 0.34 -0.75 -12.78
CA ALA A 42 -0.93 -1.25 -12.27
C ALA A 42 -0.85 -2.76 -12.04
N GLY A 43 -0.30 -3.50 -13.02
CA GLY A 43 -0.17 -4.93 -12.85
C GLY A 43 0.79 -5.30 -11.73
N ALA A 44 1.90 -4.58 -11.61
CA ALA A 44 2.85 -4.86 -10.55
C ALA A 44 2.21 -4.67 -9.18
N VAL A 45 1.44 -3.59 -9.00
CA VAL A 45 0.76 -3.36 -7.73
C VAL A 45 -0.29 -4.44 -7.49
N ALA A 46 -1.07 -4.78 -8.53
CA ALA A 46 -2.12 -5.78 -8.37
C ALA A 46 -1.57 -7.17 -8.14
N ARG A 47 -0.30 -7.42 -8.45
CA ARG A 47 0.32 -8.71 -8.22
C ARG A 47 1.08 -8.79 -6.91
N GLU A 48 1.74 -7.71 -6.49
CA GLU A 48 2.62 -7.73 -5.33
C GLU A 48 1.97 -7.13 -4.08
N ASN A 49 1.51 -5.88 -4.16
CA ASN A 49 0.99 -5.19 -2.99
C ASN A 49 -0.49 -5.50 -2.76
N ALA A 50 -1.33 -5.18 -3.73
CA ALA A 50 -2.76 -5.46 -3.67
C ALA A 50 -3.12 -6.56 -4.65
N GLY A 51 -4.40 -6.92 -4.67
CA GLY A 51 -4.91 -7.88 -5.62
C GLY A 51 -5.97 -7.24 -6.49
N PRO A 52 -7.16 -7.86 -6.55
CA PRO A 52 -8.30 -7.15 -7.17
C PRO A 52 -8.66 -5.87 -6.44
N ALA A 53 -8.23 -5.71 -5.20
CA ALA A 53 -8.49 -4.50 -4.42
C ALA A 53 -7.61 -3.33 -4.85
N ILE A 54 -6.81 -3.48 -5.91
CA ILE A 54 -6.04 -2.36 -6.42
C ILE A 54 -6.96 -1.22 -6.82
N VAL A 55 -8.19 -1.55 -7.22
CA VAL A 55 -9.18 -0.51 -7.53
C VAL A 55 -9.37 0.39 -6.33
N ILE A 56 -9.44 -0.19 -5.13
CA ILE A 56 -9.48 0.62 -3.91
C ILE A 56 -8.18 1.38 -3.74
N SER A 57 -7.05 0.72 -4.02
CA SER A 57 -5.75 1.38 -3.86
C SER A 57 -5.68 2.66 -4.67
N PHE A 58 -6.16 2.63 -5.92
CA PHE A 58 -6.22 3.85 -6.71
C PHE A 58 -7.13 4.88 -6.07
N LEU A 59 -8.30 4.44 -5.59
CA LEU A 59 -9.27 5.37 -5.02
C LEU A 59 -8.62 6.22 -3.93
N ILE A 60 -7.98 5.58 -2.96
CA ILE A 60 -7.26 6.34 -1.94
C ILE A 60 -6.23 7.23 -2.60
N ALA A 61 -5.41 6.65 -3.48
CA ALA A 61 -4.41 7.44 -4.19
C ALA A 61 -5.06 8.60 -4.93
N ALA A 62 -6.29 8.41 -5.43
CA ALA A 62 -6.99 9.53 -6.06
C ALA A 62 -7.32 10.61 -5.04
N LEU A 63 -7.93 10.22 -3.92
CA LEU A 63 -8.35 11.21 -2.94
C LEU A 63 -7.16 11.97 -2.39
N ALA A 64 -6.10 11.25 -2.02
CA ALA A 64 -4.88 11.91 -1.57
C ALA A 64 -4.39 12.92 -2.59
N SER A 65 -4.53 12.59 -3.88
CA SER A 65 -4.16 13.54 -4.93
C SER A 65 -5.10 14.73 -4.95
N VAL A 66 -6.41 14.47 -4.87
CA VAL A 66 -7.37 15.56 -4.95
C VAL A 66 -7.14 16.57 -3.83
N LEU A 67 -6.99 16.07 -2.60
CA LEU A 67 -6.70 16.95 -1.47
C LEU A 67 -5.48 17.83 -1.78
N ALA A 68 -4.46 17.25 -2.40
CA ALA A 68 -3.30 18.04 -2.80
C ALA A 68 -3.69 19.05 -3.89
N GLY A 69 -4.36 18.57 -4.93
CA GLY A 69 -4.68 19.46 -6.04
C GLY A 69 -5.47 20.67 -5.60
N LEU A 70 -6.50 20.46 -4.78
CA LEU A 70 -7.27 21.58 -4.25
C LEU A 70 -6.35 22.61 -3.59
N CYS A 71 -5.40 22.13 -2.78
CA CYS A 71 -4.46 23.05 -2.15
C CYS A 71 -3.73 23.87 -3.21
N TYR A 72 -3.22 23.20 -4.25
CA TYR A 72 -2.58 23.91 -5.34
C TYR A 72 -3.49 25.02 -5.86
N GLY A 73 -4.78 24.71 -6.03
CA GLY A 73 -5.71 25.72 -6.51
C GLY A 73 -5.69 26.98 -5.68
N GLU A 74 -5.69 26.82 -4.35
CA GLU A 74 -5.53 27.97 -3.48
C GLU A 74 -4.08 28.43 -3.42
N PHE A 75 -3.15 27.48 -3.48
CA PHE A 75 -1.73 27.82 -3.33
C PHE A 75 -1.22 28.65 -4.50
N GLY A 76 -1.88 28.56 -5.66
CA GLY A 76 -1.55 29.41 -6.79
C GLY A 76 -2.45 30.63 -6.86
N ALA A 77 -3.53 30.61 -6.08
CA ALA A 77 -4.45 31.73 -6.06
C ALA A 77 -3.91 32.92 -5.27
N ARG A 78 -2.94 32.70 -4.38
CA ARG A 78 -2.39 33.78 -3.56
C ARG A 78 -1.27 34.54 -4.25
N VAL A 79 -0.79 34.08 -5.40
CA VAL A 79 0.31 34.70 -6.11
C VAL A 79 -0.20 35.14 -7.47
N PRO A 80 -0.16 36.43 -7.81
CA PRO A 80 -0.62 36.84 -9.15
C PRO A 80 0.15 36.18 -10.27
N LYS A 81 1.45 35.98 -10.09
CA LYS A 81 2.25 35.28 -11.09
C LYS A 81 1.98 33.79 -11.06
N THR A 82 2.04 33.16 -12.23
CA THR A 82 1.83 31.73 -12.37
C THR A 82 3.19 31.04 -12.46
N GLY A 83 3.43 30.10 -11.56
CA GLY A 83 4.70 29.38 -11.53
C GLY A 83 4.58 28.13 -10.69
N SER A 84 5.68 27.39 -10.63
CA SER A 84 5.72 26.17 -9.85
C SER A 84 5.52 26.48 -8.36
N ALA A 85 5.30 25.43 -7.59
CA ALA A 85 5.08 25.61 -6.15
C ALA A 85 6.29 26.26 -5.49
N TYR A 86 7.48 26.09 -6.06
CA TYR A 86 8.66 26.73 -5.49
C TYR A 86 8.52 28.25 -5.50
N LEU A 87 8.05 28.80 -6.62
CA LEU A 87 7.86 30.24 -6.71
C LEU A 87 6.85 30.73 -5.68
N TYR A 88 5.74 30.01 -5.55
CA TYR A 88 4.71 30.41 -4.59
C TYR A 88 5.26 30.38 -3.16
N SER A 89 5.98 29.32 -2.82
CA SER A 89 6.56 29.22 -1.47
C SER A 89 7.57 30.32 -1.23
N TYR A 90 8.45 30.56 -2.20
CA TYR A 90 9.49 31.58 -2.04
C TYR A 90 8.91 32.99 -2.04
N VAL A 91 7.68 33.17 -2.54
CA VAL A 91 7.01 34.45 -2.45
C VAL A 91 6.21 34.60 -1.16
N THR A 92 5.68 33.50 -0.61
CA THR A 92 4.73 33.57 0.49
C THR A 92 5.34 33.25 1.84
N VAL A 93 5.99 32.10 2.00
CA VAL A 93 6.33 31.61 3.34
C VAL A 93 7.77 31.97 3.72
N GLY A 94 8.76 31.51 2.96
CA GLY A 94 10.13 31.74 3.35
C GLY A 94 11.11 31.10 2.40
N GLU A 95 12.40 31.41 2.63
CA GLU A 95 13.46 30.88 1.79
C GLU A 95 13.74 29.41 2.06
N LEU A 96 13.83 29.02 3.34
CA LEU A 96 14.17 27.64 3.66
C LEU A 96 13.05 26.69 3.24
N TRP A 97 11.80 27.07 3.53
CA TRP A 97 10.65 26.27 3.12
C TRP A 97 10.59 26.17 1.60
N ALA A 98 10.80 27.29 0.91
CA ALA A 98 10.77 27.29 -0.55
C ALA A 98 11.87 26.41 -1.13
N PHE A 99 13.07 26.45 -0.52
CA PHE A 99 14.15 25.60 -1.00
C PHE A 99 13.81 24.13 -0.82
N ILE A 100 13.23 23.78 0.33
CA ILE A 100 12.84 22.38 0.54
C ILE A 100 11.82 21.96 -0.51
N THR A 101 10.82 22.81 -0.75
CA THR A 101 9.79 22.48 -1.74
C THR A 101 10.41 22.32 -3.13
N GLY A 102 11.29 23.24 -3.52
CA GLY A 102 11.90 23.16 -4.83
C GLY A 102 12.81 21.97 -4.98
N TRP A 103 13.55 21.62 -3.92
CA TRP A 103 14.40 20.43 -3.95
C TRP A 103 13.55 19.17 -4.10
N ASN A 104 12.42 19.10 -3.39
CA ASN A 104 11.53 17.96 -3.54
C ASN A 104 10.94 17.91 -4.95
N LEU A 105 10.61 19.07 -5.53
CA LEU A 105 10.10 19.10 -6.89
C LEU A 105 11.17 18.65 -7.89
N ILE A 106 12.42 19.04 -7.66
CA ILE A 106 13.51 18.62 -8.53
C ILE A 106 13.67 17.11 -8.47
N LEU A 107 13.64 16.55 -7.26
CA LEU A 107 13.67 15.10 -7.14
C LEU A 107 12.49 14.47 -7.86
N SER A 108 11.30 15.04 -7.67
CA SER A 108 10.11 14.49 -8.31
C SER A 108 10.29 14.42 -9.82
N TYR A 109 10.69 15.54 -10.43
CA TYR A 109 10.82 15.58 -11.88
C TYR A 109 11.94 14.66 -12.37
N ILE A 110 13.09 14.66 -11.70
CA ILE A 110 14.21 13.85 -12.16
C ILE A 110 13.86 12.37 -12.08
N ILE A 111 13.34 11.94 -10.92
CA ILE A 111 13.04 10.52 -10.75
C ILE A 111 11.84 10.12 -11.61
N GLY A 112 10.91 11.04 -11.87
CA GLY A 112 9.84 10.74 -12.79
C GLY A 112 10.34 10.54 -14.21
N THR A 113 11.26 11.39 -14.65
CA THR A 113 11.90 11.18 -15.93
C THR A 113 12.57 9.81 -15.98
N SER A 114 13.32 9.47 -14.93
CA SER A 114 14.01 8.18 -14.91
C SER A 114 13.03 7.03 -14.99
N SER A 115 11.98 7.05 -14.16
CA SER A 115 11.04 5.94 -14.10
C SER A 115 10.25 5.81 -15.39
N VAL A 116 9.80 6.92 -15.97
CA VAL A 116 9.04 6.85 -17.21
C VAL A 116 9.94 6.42 -18.36
N ALA A 117 11.19 6.88 -18.38
CA ALA A 117 12.12 6.41 -19.40
C ALA A 117 12.31 4.91 -19.29
N ARG A 118 12.45 4.40 -18.07
CA ARG A 118 12.56 2.96 -17.86
C ARG A 118 11.31 2.23 -18.35
N ALA A 119 10.13 2.73 -18.00
CA ALA A 119 8.91 2.05 -18.40
C ALA A 119 8.78 2.03 -19.91
N TRP A 120 9.12 3.14 -20.57
CA TRP A 120 9.06 3.20 -22.02
C TRP A 120 10.06 2.25 -22.65
N SER A 121 11.28 2.21 -22.11
CA SER A 121 12.30 1.30 -22.64
C SER A 121 11.87 -0.16 -22.47
N ALA A 122 11.32 -0.50 -21.30
CA ALA A 122 10.87 -1.87 -21.07
C ALA A 122 9.74 -2.23 -22.02
N THR A 123 8.78 -1.32 -22.21
CA THR A 123 7.67 -1.59 -23.12
C THR A 123 8.17 -1.79 -24.55
N PHE A 124 9.07 -0.90 -25.01
CA PHE A 124 9.60 -1.03 -26.36
C PHE A 124 10.39 -2.32 -26.52
N ASP A 125 11.21 -2.67 -25.53
CA ASP A 125 11.99 -3.90 -25.60
C ASP A 125 11.08 -5.12 -25.61
N GLU A 126 10.00 -5.07 -24.84
CA GLU A 126 8.99 -6.14 -24.89
C GLU A 126 8.39 -6.25 -26.28
N LEU A 127 8.09 -5.11 -26.90
CA LEU A 127 7.43 -5.12 -28.21
C LEU A 127 8.28 -5.77 -29.29
N ILE A 128 9.60 -5.83 -29.11
CA ILE A 128 10.49 -6.36 -30.13
C ILE A 128 11.23 -7.62 -29.65
N GLY A 129 10.74 -8.26 -28.60
CA GLY A 129 11.29 -9.53 -28.17
C GLY A 129 12.45 -9.47 -27.19
N LYS A 130 12.63 -8.35 -26.51
CA LYS A 130 13.69 -8.18 -25.51
C LYS A 130 15.08 -8.42 -26.09
N PRO A 131 15.44 -7.82 -27.23
CA PRO A 131 16.82 -7.96 -27.72
C PRO A 131 17.79 -7.06 -26.97
N ILE A 132 17.36 -5.84 -26.69
CA ILE A 132 18.20 -4.91 -25.94
C ILE A 132 18.44 -5.44 -24.54
N GLY A 133 17.40 -6.00 -23.92
CA GLY A 133 17.59 -6.62 -22.62
C GLY A 133 18.56 -7.78 -22.68
N GLU A 134 18.48 -8.59 -23.75
CA GLU A 134 19.42 -9.70 -23.88
C GLU A 134 20.84 -9.19 -24.00
N PHE A 135 21.06 -8.13 -24.77
CA PHE A 135 22.38 -7.52 -24.87
C PHE A 135 22.85 -7.04 -23.50
N SER A 136 21.96 -6.42 -22.73
CA SER A 136 22.33 -5.92 -21.41
C SER A 136 22.74 -7.04 -20.48
N ARG A 137 21.93 -8.11 -20.40
CA ARG A 137 22.32 -9.25 -19.57
C ARG A 137 23.64 -9.86 -20.04
N GLN A 138 23.86 -9.92 -21.35
CA GLN A 138 25.08 -10.54 -21.85
C GLN A 138 26.31 -9.71 -21.50
N HIS A 139 26.22 -8.39 -21.63
CA HIS A 139 27.40 -7.54 -21.56
C HIS A 139 27.46 -6.62 -20.34
N MET A 140 26.43 -6.58 -19.50
CA MET A 140 26.40 -5.67 -18.37
C MET A 140 25.87 -6.38 -17.14
N ALA A 141 26.33 -5.91 -15.97
CA ALA A 141 25.89 -6.41 -14.69
C ALA A 141 26.39 -5.48 -13.60
N LEU A 142 25.52 -5.15 -12.65
CA LEU A 142 25.88 -4.25 -11.56
C LEU A 142 26.41 -4.97 -10.33
N ASN A 143 26.13 -6.26 -10.19
CA ASN A 143 26.66 -7.07 -9.09
C ASN A 143 26.31 -6.47 -7.73
N ALA A 144 25.09 -5.96 -7.61
CA ALA A 144 24.60 -5.40 -6.35
C ALA A 144 23.09 -5.40 -6.34
N PRO A 145 22.44 -6.56 -6.39
CA PRO A 145 20.97 -6.59 -6.42
C PRO A 145 20.33 -6.02 -5.16
N GLY A 146 21.06 -5.97 -4.05
CA GLY A 146 20.48 -5.48 -2.81
C GLY A 146 20.04 -4.04 -2.90
N VAL A 147 20.82 -3.21 -3.59
CA VAL A 147 20.53 -1.78 -3.69
C VAL A 147 20.44 -1.30 -5.13
N LEU A 148 20.97 -2.03 -6.10
CA LEU A 148 20.96 -1.62 -7.50
C LEU A 148 20.10 -2.59 -8.33
N ALA A 149 19.90 -2.21 -9.59
CA ALA A 149 19.05 -2.98 -10.48
C ALA A 149 19.73 -4.27 -10.92
N GLN A 150 18.92 -5.27 -11.23
CA GLN A 150 19.45 -6.53 -11.74
C GLN A 150 20.15 -6.34 -13.07
N THR A 151 19.54 -5.55 -13.97
CA THR A 151 20.08 -5.29 -15.29
C THR A 151 20.01 -3.80 -15.58
N PRO A 152 21.11 -3.15 -15.95
CA PRO A 152 21.03 -1.73 -16.30
C PRO A 152 20.22 -1.51 -17.56
N ASP A 153 19.57 -0.34 -17.63
CA ASP A 153 18.72 0.02 -18.76
C ASP A 153 19.49 1.01 -19.62
N ILE A 154 20.30 0.49 -20.55
CA ILE A 154 21.06 1.34 -21.45
C ILE A 154 20.12 2.11 -22.37
N PHE A 155 19.04 1.47 -22.81
CA PHE A 155 18.11 2.13 -23.73
C PHE A 155 17.39 3.29 -23.04
N ALA A 156 17.12 3.19 -21.74
CA ALA A 156 16.56 4.32 -21.01
C ALA A 156 17.55 5.49 -21.01
N VAL A 157 18.84 5.19 -20.83
CA VAL A 157 19.85 6.24 -20.90
C VAL A 157 19.87 6.88 -22.27
N ILE A 158 19.75 6.07 -23.33
CA ILE A 158 19.74 6.61 -24.68
C ILE A 158 18.53 7.51 -24.88
N ILE A 159 17.37 7.08 -24.41
CA ILE A 159 16.15 7.89 -24.54
C ILE A 159 16.32 9.21 -23.82
N ILE A 160 16.84 9.16 -22.59
CA ILE A 160 17.01 10.40 -21.81
C ILE A 160 18.02 11.32 -22.50
N ILE A 161 19.09 10.75 -23.04
CA ILE A 161 20.08 11.58 -23.74
C ILE A 161 19.44 12.27 -24.95
N ILE A 162 18.67 11.52 -25.73
CA ILE A 162 18.04 12.09 -26.91
C ILE A 162 17.08 13.20 -26.53
N LEU A 163 16.25 12.96 -25.50
CA LEU A 163 15.26 13.95 -25.11
C LEU A 163 15.92 15.18 -24.49
N THR A 164 16.99 14.99 -23.72
CA THR A 164 17.72 16.12 -23.17
C THR A 164 18.35 16.95 -24.28
N GLY A 165 18.88 16.28 -25.31
CA GLY A 165 19.38 17.02 -26.46
C GLY A 165 18.28 17.81 -27.15
N LEU A 166 17.11 17.20 -27.32
CA LEU A 166 15.99 17.93 -27.92
C LEU A 166 15.62 19.16 -27.08
N LEU A 167 15.55 18.99 -25.77
CA LEU A 167 15.18 20.10 -24.90
C LEU A 167 16.22 21.22 -24.94
N THR A 168 17.51 20.85 -24.96
CA THR A 168 18.55 21.87 -24.96
C THR A 168 18.50 22.73 -26.21
N LEU A 169 18.21 22.12 -27.35
CA LEU A 169 18.14 22.84 -28.62
C LEU A 169 16.85 23.61 -28.81
N GLY A 170 16.02 23.74 -27.78
CA GLY A 170 14.86 24.60 -27.82
C GLY A 170 13.52 23.94 -28.08
N VAL A 171 13.47 22.61 -28.08
CA VAL A 171 12.19 21.92 -28.28
C VAL A 171 11.27 22.24 -27.11
N LYS A 172 10.00 22.52 -27.43
CA LYS A 172 9.02 22.94 -26.44
C LYS A 172 7.81 22.02 -26.52
N GLU A 173 6.83 22.29 -25.65
CA GLU A 173 5.62 21.47 -25.58
C GLU A 173 4.77 21.72 -26.81
N SER A 174 4.54 20.68 -27.60
CA SER A 174 3.67 20.74 -28.76
C SER A 174 2.26 20.34 -28.33
N ALA A 175 1.37 21.32 -28.22
CA ALA A 175 0.02 21.05 -27.73
C ALA A 175 -0.73 20.09 -28.65
N MET A 176 -0.58 20.26 -29.97
CA MET A 176 -1.29 19.41 -30.91
C MET A 176 -0.85 17.96 -30.79
N VAL A 177 0.46 17.73 -30.71
CA VAL A 177 0.98 16.38 -30.58
C VAL A 177 0.54 15.77 -29.26
N ASN A 178 0.57 16.56 -28.19
CA ASN A 178 0.12 16.07 -26.89
C ASN A 178 -1.35 15.66 -26.96
N LYS A 179 -2.19 16.48 -27.60
CA LYS A 179 -3.60 16.13 -27.73
C LYS A 179 -3.79 14.86 -28.54
N ILE A 180 -3.05 14.71 -29.64
CA ILE A 180 -3.18 13.52 -30.47
C ILE A 180 -2.80 12.28 -29.68
N PHE A 181 -1.66 12.33 -28.98
CA PHE A 181 -1.21 11.19 -28.21
C PHE A 181 -2.17 10.88 -27.07
N THR A 182 -2.70 11.92 -26.41
CA THR A 182 -3.66 11.70 -25.35
C THR A 182 -4.94 11.06 -25.87
N CYS A 183 -5.41 11.49 -27.04
CA CYS A 183 -6.59 10.87 -27.64
C CYS A 183 -6.34 9.41 -27.95
N ILE A 184 -5.18 9.09 -28.53
CA ILE A 184 -4.86 7.70 -28.83
C ILE A 184 -4.82 6.88 -27.54
N ASN A 185 -4.17 7.41 -26.52
CA ASN A 185 -4.06 6.69 -25.25
C ASN A 185 -5.43 6.47 -24.61
N VAL A 186 -6.30 7.49 -24.65
CA VAL A 186 -7.61 7.36 -24.06
C VAL A 186 -8.45 6.36 -24.83
N LEU A 187 -8.33 6.34 -26.16
CA LEU A 187 -9.03 5.33 -26.94
C LEU A 187 -8.55 3.93 -26.58
N VAL A 188 -7.24 3.76 -26.43
CA VAL A 188 -6.71 2.44 -26.07
C VAL A 188 -7.20 2.04 -24.67
N LEU A 189 -7.24 2.99 -23.74
CA LEU A 189 -7.71 2.68 -22.39
C LEU A 189 -9.19 2.30 -22.40
N CYS A 190 -10.01 3.00 -23.18
CA CYS A 190 -11.42 2.65 -23.30
C CYS A 190 -11.57 1.26 -23.90
N PHE A 191 -10.76 0.94 -24.92
CA PHE A 191 -10.77 -0.41 -25.49
C PHE A 191 -10.41 -1.44 -24.43
N ILE A 192 -9.40 -1.13 -23.59
CA ILE A 192 -9.01 -2.05 -22.54
C ILE A 192 -10.16 -2.28 -21.56
N VAL A 193 -10.84 -1.20 -21.16
CA VAL A 193 -11.94 -1.33 -20.22
C VAL A 193 -13.06 -2.18 -20.81
N VAL A 194 -13.41 -1.91 -22.07
CA VAL A 194 -14.49 -2.65 -22.71
C VAL A 194 -14.12 -4.13 -22.86
N SER A 195 -12.88 -4.40 -23.26
CA SER A 195 -12.43 -5.77 -23.40
C SER A 195 -12.40 -6.49 -22.06
N GLY A 196 -12.04 -5.79 -20.99
CA GLY A 196 -12.10 -6.41 -19.68
C GLY A 196 -13.51 -6.73 -19.24
N PHE A 197 -14.45 -5.81 -19.48
CA PHE A 197 -15.84 -6.07 -19.12
C PHE A 197 -16.47 -7.14 -19.99
N VAL A 198 -15.94 -7.36 -21.20
CA VAL A 198 -16.48 -8.38 -22.09
C VAL A 198 -15.86 -9.74 -21.77
N LYS A 199 -14.54 -9.85 -21.94
CA LYS A 199 -13.85 -11.11 -21.70
C LYS A 199 -13.69 -11.41 -20.22
N GLY A 200 -13.42 -10.38 -19.41
CA GLY A 200 -13.15 -10.62 -18.01
C GLY A 200 -14.36 -11.18 -17.28
N SER A 201 -14.10 -11.88 -16.19
CA SER A 201 -15.13 -12.52 -15.39
C SER A 201 -14.94 -12.17 -13.92
N ILE A 202 -16.04 -12.09 -13.20
CA ILE A 202 -15.99 -11.76 -11.78
C ILE A 202 -15.33 -12.88 -10.97
N LYS A 203 -15.25 -14.09 -11.52
CA LYS A 203 -14.67 -15.21 -10.78
C LYS A 203 -13.21 -14.93 -10.41
N ASN A 204 -12.49 -14.18 -11.23
CA ASN A 204 -11.11 -13.85 -10.92
C ASN A 204 -11.00 -13.02 -9.65
N TRP A 205 -12.08 -12.38 -9.23
CA TRP A 205 -12.12 -11.64 -7.97
C TRP A 205 -12.56 -12.52 -6.80
N GLN A 206 -12.81 -13.81 -7.03
CA GLN A 206 -13.30 -14.72 -6.01
C GLN A 206 -12.46 -15.99 -5.96
N LEU A 207 -11.19 -15.90 -6.32
CA LEU A 207 -10.33 -17.08 -6.36
C LEU A 207 -10.07 -17.62 -4.96
N THR A 208 -9.95 -18.94 -4.88
CA THR A 208 -9.62 -19.61 -3.63
C THR A 208 -8.41 -20.51 -3.82
N GLU A 209 -8.09 -21.34 -2.83
CA GLU A 209 -6.95 -22.24 -2.97
C GLU A 209 -7.15 -23.23 -4.10
N LYS A 210 -8.39 -23.44 -4.55
CA LYS A 210 -8.64 -24.30 -5.70
C LYS A 210 -8.00 -23.73 -6.96
N ASN A 211 -7.91 -22.40 -7.06
CA ASN A 211 -7.41 -21.74 -8.26
C ASN A 211 -6.01 -21.15 -8.07
N PHE A 212 -5.31 -21.52 -7.00
CA PHE A 212 -3.97 -21.00 -6.75
C PHE A 212 -2.95 -21.73 -7.62
N SER A 213 -3.14 -21.69 -8.94
CA SER A 213 -2.22 -22.31 -9.88
C SER A 213 -2.12 -21.42 -11.11
N CYS A 214 -0.94 -21.44 -11.74
CA CYS A 214 -0.67 -20.65 -12.93
C CYS A 214 -0.36 -21.60 -14.08
N ASN A 215 -0.93 -21.32 -15.26
CA ASN A 215 -0.64 -22.16 -16.42
C ASN A 215 0.84 -22.14 -16.75
N ASN A 216 1.46 -20.97 -16.73
CA ASN A 216 2.90 -20.89 -16.80
C ASN A 216 3.51 -21.48 -15.55
N ASN A 217 4.70 -22.07 -15.68
CA ASN A 217 5.35 -22.70 -14.53
C ASN A 217 6.38 -21.79 -13.87
N ASP A 218 6.08 -20.50 -13.75
CA ASP A 218 6.86 -19.63 -12.88
C ASP A 218 6.73 -20.09 -11.43
N THR A 219 7.75 -19.77 -10.64
CA THR A 219 7.84 -20.21 -9.26
C THR A 219 7.84 -19.00 -8.33
N ASN A 220 7.77 -19.29 -7.02
CA ASN A 220 7.78 -18.26 -5.99
C ASN A 220 6.65 -17.26 -6.18
N VAL A 221 5.43 -17.78 -6.23
CA VAL A 221 4.23 -16.96 -6.38
C VAL A 221 3.69 -16.61 -5.00
N LYS A 222 3.04 -15.45 -4.90
CA LYS A 222 2.40 -15.00 -3.67
C LYS A 222 0.90 -15.02 -3.90
N TYR A 223 0.25 -16.07 -3.41
CA TYR A 223 -1.18 -16.23 -3.60
C TYR A 223 -2.01 -15.50 -2.55
N GLY A 224 -1.52 -15.40 -1.32
CA GLY A 224 -2.22 -14.67 -0.29
C GLY A 224 -3.54 -15.35 0.08
N GLU A 225 -4.44 -14.54 0.63
CA GLU A 225 -5.75 -15.03 1.05
C GLU A 225 -6.59 -15.46 -0.15
N GLY A 226 -6.48 -14.72 -1.26
CA GLY A 226 -7.35 -14.93 -2.39
C GLY A 226 -8.56 -14.01 -2.34
N GLY A 227 -9.43 -14.18 -3.32
CA GLY A 227 -10.63 -13.37 -3.41
C GLY A 227 -10.35 -11.96 -3.87
N PHE A 228 -11.07 -10.99 -3.31
CA PHE A 228 -10.95 -9.60 -3.73
C PHE A 228 -9.81 -8.87 -3.04
N MET A 229 -9.46 -9.25 -1.81
CA MET A 229 -8.42 -8.59 -1.03
C MET A 229 -7.45 -9.65 -0.51
N PRO A 230 -6.66 -10.25 -1.41
CA PRO A 230 -5.76 -11.33 -0.98
C PRO A 230 -4.74 -10.90 0.05
N PHE A 231 -4.24 -9.66 -0.02
CA PHE A 231 -3.14 -9.21 0.83
C PHE A 231 -3.61 -8.26 1.92
N GLY A 232 -4.92 -8.09 2.10
CA GLY A 232 -5.43 -7.31 3.20
C GLY A 232 -5.40 -5.82 2.96
N PHE A 233 -5.95 -5.09 3.93
CA PHE A 233 -6.03 -3.64 3.81
C PHE A 233 -4.65 -3.00 3.93
N SER A 234 -3.72 -3.64 4.64
CA SER A 234 -2.35 -3.14 4.64
C SER A 234 -1.75 -3.22 3.23
N GLY A 235 -1.98 -4.34 2.54
CA GLY A 235 -1.56 -4.42 1.15
C GLY A 235 -2.25 -3.38 0.28
N VAL A 236 -3.53 -3.13 0.54
CA VAL A 236 -4.26 -2.11 -0.23
C VAL A 236 -3.64 -0.75 0.00
N LEU A 237 -3.27 -0.43 1.24
CA LEU A 237 -2.67 0.86 1.54
C LEU A 237 -1.30 1.01 0.89
N SER A 238 -0.49 -0.05 0.92
CA SER A 238 0.79 0.00 0.23
C SER A 238 0.59 0.18 -1.28
N GLY A 239 -0.40 -0.51 -1.84
CA GLY A 239 -0.70 -0.33 -3.25
C GLY A 239 -1.16 1.08 -3.57
N ALA A 240 -1.91 1.70 -2.66
CA ALA A 240 -2.32 3.09 -2.86
C ALA A 240 -1.13 4.03 -2.80
N ALA A 241 -0.21 3.78 -1.87
CA ALA A 241 1.01 4.58 -1.81
C ALA A 241 1.79 4.48 -3.11
N THR A 242 1.90 3.26 -3.65
CA THR A 242 2.58 3.10 -4.94
C THR A 242 1.81 3.77 -6.07
N CYS A 243 0.47 3.63 -6.08
CA CYS A 243 -0.35 4.18 -7.14
C CYS A 243 -0.41 5.69 -7.12
N PHE A 244 -0.04 6.32 -6.00
CA PHE A 244 0.11 7.76 -6.00
C PHE A 244 1.10 8.20 -7.07
N TYR A 245 1.99 7.30 -7.48
CA TYR A 245 2.84 7.55 -8.65
C TYR A 245 2.00 7.97 -9.85
N ALA A 246 0.90 7.26 -10.09
CA ALA A 246 0.13 7.47 -11.31
C ALA A 246 -0.50 8.86 -11.35
N PHE A 247 -1.01 9.34 -10.23
CA PHE A 247 -1.77 10.58 -10.21
C PHE A 247 -0.88 11.82 -10.28
N VAL A 248 0.44 11.66 -10.17
CA VAL A 248 1.32 12.82 -10.30
C VAL A 248 1.28 13.34 -11.72
N GLY A 249 1.52 14.63 -11.88
CA GLY A 249 1.56 15.27 -13.18
C GLY A 249 0.54 16.38 -13.38
N PHE A 250 -0.30 16.66 -12.38
CA PHE A 250 -1.24 17.78 -12.50
C PHE A 250 -0.58 19.13 -12.25
N ASP A 251 0.63 19.13 -11.67
CA ASP A 251 1.33 20.39 -11.43
C ASP A 251 1.54 21.17 -12.71
N CYS A 252 1.62 20.47 -13.85
CA CYS A 252 1.79 21.15 -15.13
C CYS A 252 0.68 22.16 -15.37
N ILE A 253 -0.53 21.89 -14.88
CA ILE A 253 -1.62 22.85 -15.02
C ILE A 253 -1.30 24.13 -14.26
N ALA A 254 -0.79 24.00 -13.03
CA ALA A 254 -0.41 25.17 -12.25
C ALA A 254 0.80 25.87 -12.85
N THR A 255 1.72 25.10 -13.45
CA THR A 255 2.90 25.64 -14.11
C THR A 255 2.73 25.73 -15.61
N THR A 256 1.51 26.04 -16.07
CA THR A 256 1.24 26.08 -17.50
C THR A 256 2.11 27.12 -18.19
N GLY A 257 2.25 28.30 -17.59
CA GLY A 257 3.05 29.36 -18.18
C GLY A 257 2.31 30.12 -19.25
N GLU A 258 1.79 29.41 -20.24
CA GLU A 258 1.02 30.05 -21.30
C GLU A 258 -0.24 30.68 -20.73
N GLU A 259 -0.68 31.76 -21.38
CA GLU A 259 -1.86 32.48 -20.90
C GLU A 259 -3.07 31.58 -20.90
N VAL A 260 -3.95 31.79 -19.91
CA VAL A 260 -5.16 31.00 -19.73
C VAL A 260 -6.36 31.94 -19.76
N LYS A 261 -7.48 31.42 -20.24
CA LYS A 261 -8.71 32.23 -20.30
C LYS A 261 -9.09 32.73 -18.91
N ASN A 262 -9.05 31.84 -17.92
CA ASN A 262 -9.26 32.22 -16.53
C ASN A 262 -7.94 32.02 -15.77
N PRO A 263 -7.28 33.09 -15.33
CA PRO A 263 -5.93 32.93 -14.76
C PRO A 263 -5.89 31.99 -13.57
N GLN A 264 -6.91 32.01 -12.70
CA GLN A 264 -6.88 31.22 -11.48
C GLN A 264 -8.16 30.45 -11.20
N LYS A 265 -9.22 30.63 -11.99
CA LYS A 265 -10.44 29.86 -11.81
C LYS A 265 -10.45 28.58 -12.64
N ALA A 266 -9.83 28.60 -13.81
CA ALA A 266 -9.78 27.40 -14.65
C ALA A 266 -8.75 26.40 -14.14
N ILE A 267 -7.66 26.87 -13.54
CA ILE A 267 -6.60 25.96 -13.10
C ILE A 267 -7.11 24.94 -12.09
N PRO A 268 -7.75 25.33 -10.98
CA PRO A 268 -8.26 24.31 -10.06
C PRO A 268 -9.27 23.38 -10.69
N VAL A 269 -10.16 23.92 -11.53
CA VAL A 269 -11.14 23.08 -12.21
C VAL A 269 -10.44 22.08 -13.12
N GLY A 270 -9.44 22.54 -13.87
CA GLY A 270 -8.69 21.64 -14.73
C GLY A 270 -7.99 20.55 -13.95
N ILE A 271 -7.36 20.92 -12.83
CA ILE A 271 -6.66 19.93 -12.02
C ILE A 271 -7.64 18.88 -11.49
N VAL A 272 -8.76 19.32 -10.96
CA VAL A 272 -9.73 18.38 -10.39
C VAL A 272 -10.30 17.49 -11.47
N ALA A 273 -10.64 18.06 -12.63
CA ALA A 273 -11.20 17.25 -13.72
C ALA A 273 -10.19 16.23 -14.22
N SER A 274 -8.92 16.64 -14.36
CA SER A 274 -7.89 15.71 -14.79
C SER A 274 -7.72 14.58 -13.78
N LEU A 275 -7.72 14.91 -12.49
CA LEU A 275 -7.58 13.87 -11.47
C LEU A 275 -8.76 12.92 -11.50
N LEU A 276 -9.98 13.44 -11.67
CA LEU A 276 -11.16 12.57 -11.73
C LEU A 276 -11.11 11.66 -12.95
N ILE A 277 -10.73 12.20 -14.11
CA ILE A 277 -10.64 11.39 -15.32
C ILE A 277 -9.59 10.31 -15.15
N CYS A 278 -8.44 10.68 -14.59
CA CYS A 278 -7.38 9.70 -14.35
C CYS A 278 -7.84 8.61 -13.39
N PHE A 279 -8.56 8.99 -12.34
CA PHE A 279 -9.08 7.98 -11.41
C PHE A 279 -10.05 7.04 -12.11
N ILE A 280 -10.95 7.58 -12.94
CA ILE A 280 -11.90 6.72 -13.65
C ILE A 280 -11.14 5.75 -14.55
N ALA A 281 -10.17 6.27 -15.30
CA ALA A 281 -9.42 5.42 -16.22
C ALA A 281 -8.65 4.34 -15.46
N TYR A 282 -7.99 4.71 -14.36
CA TYR A 282 -7.24 3.74 -13.58
C TYR A 282 -8.14 2.68 -12.98
N PHE A 283 -9.28 3.09 -12.42
CA PHE A 283 -10.22 2.13 -11.87
C PHE A 283 -10.67 1.14 -12.94
N GLY A 284 -11.10 1.65 -14.09
CA GLY A 284 -11.56 0.77 -15.14
C GLY A 284 -10.48 -0.17 -15.64
N VAL A 285 -9.28 0.36 -15.86
CA VAL A 285 -8.21 -0.46 -16.43
C VAL A 285 -7.74 -1.52 -15.43
N SER A 286 -7.62 -1.14 -14.15
CA SER A 286 -7.20 -2.11 -13.14
C SER A 286 -8.27 -3.18 -12.94
N ALA A 287 -9.54 -2.80 -12.95
CA ALA A 287 -10.60 -3.79 -12.86
C ALA A 287 -10.56 -4.75 -14.05
N ALA A 288 -10.35 -4.21 -15.26
CA ALA A 288 -10.23 -5.06 -16.43
C ALA A 288 -9.06 -6.01 -16.31
N LEU A 289 -7.91 -5.50 -15.85
CA LEU A 289 -6.71 -6.32 -15.74
C LEU A 289 -6.92 -7.45 -14.73
N THR A 290 -7.53 -7.14 -13.58
CA THR A 290 -7.73 -8.16 -12.55
C THR A 290 -8.89 -9.09 -12.86
N LEU A 291 -9.78 -8.71 -13.77
CA LEU A 291 -10.88 -9.59 -14.18
C LEU A 291 -10.49 -10.49 -15.33
N MET A 292 -9.63 -10.03 -16.24
CA MET A 292 -9.22 -10.85 -17.36
C MET A 292 -8.25 -11.93 -16.94
N MET A 293 -7.34 -11.62 -16.02
CA MET A 293 -6.30 -12.54 -15.58
C MET A 293 -6.25 -12.56 -14.05
N PRO A 294 -5.91 -13.70 -13.46
CA PRO A 294 -5.72 -13.73 -12.00
C PRO A 294 -4.61 -12.77 -11.59
N TYR A 295 -4.78 -12.17 -10.40
CA TYR A 295 -3.82 -11.18 -9.92
C TYR A 295 -2.42 -11.77 -9.82
N PHE A 296 -2.31 -13.00 -9.31
CA PHE A 296 -1.00 -13.64 -9.19
C PHE A 296 -0.43 -14.00 -10.56
N CYS A 297 -1.31 -14.31 -11.52
CA CYS A 297 -0.84 -14.70 -12.85
C CYS A 297 -0.24 -13.53 -13.62
N LEU A 298 -0.61 -12.30 -13.26
CA LEU A 298 -0.22 -11.11 -14.01
C LEU A 298 1.24 -11.17 -14.44
N ASP A 299 1.49 -10.96 -15.74
CA ASP A 299 2.83 -11.06 -16.27
C ASP A 299 3.74 -10.00 -15.67
N ILE A 300 4.95 -10.42 -15.28
CA ILE A 300 5.91 -9.48 -14.71
C ILE A 300 6.41 -8.51 -15.79
N ASP A 301 6.68 -9.03 -16.98
CA ASP A 301 7.26 -8.18 -18.04
C ASP A 301 6.25 -7.15 -18.52
N SER A 302 5.03 -7.58 -18.81
CA SER A 302 4.00 -6.69 -19.36
C SER A 302 2.64 -7.22 -18.92
N PRO A 303 2.01 -6.59 -17.91
CA PRO A 303 0.78 -7.17 -17.37
C PRO A 303 -0.41 -7.13 -18.32
N LEU A 304 -0.67 -5.97 -18.94
CA LEU A 304 -1.83 -5.86 -19.81
C LEU A 304 -1.71 -6.76 -21.04
N PRO A 305 -0.60 -6.75 -21.79
CA PRO A 305 -0.48 -7.71 -22.89
C PRO A 305 -0.55 -9.15 -22.42
N GLY A 306 -0.01 -9.46 -21.25
CA GLY A 306 -0.12 -10.81 -20.73
C GLY A 306 -1.56 -11.22 -20.45
N ALA A 307 -2.34 -10.31 -19.88
CA ALA A 307 -3.75 -10.59 -19.65
C ALA A 307 -4.50 -10.76 -20.96
N PHE A 308 -4.19 -9.93 -21.96
CA PHE A 308 -4.84 -10.06 -23.26
C PHE A 308 -4.51 -11.40 -23.89
N LYS A 309 -3.24 -11.82 -23.82
CA LYS A 309 -2.86 -13.13 -24.34
C LYS A 309 -3.55 -14.25 -23.57
N HIS A 310 -3.69 -14.10 -22.26
CA HIS A 310 -4.33 -15.13 -21.45
C HIS A 310 -5.77 -15.38 -21.88
N GLN A 311 -6.46 -14.34 -22.36
CA GLN A 311 -7.84 -14.46 -22.79
C GLN A 311 -7.97 -14.81 -24.26
N GLY A 312 -6.86 -15.02 -24.96
CA GLY A 312 -6.87 -15.38 -26.37
C GLY A 312 -6.78 -14.22 -27.33
N TRP A 313 -6.86 -12.98 -26.84
CA TRP A 313 -6.74 -11.80 -27.69
C TRP A 313 -5.29 -11.32 -27.73
N GLU A 314 -4.43 -12.20 -28.24
CA GLU A 314 -3.00 -11.88 -28.31
C GLU A 314 -2.75 -10.68 -29.22
N GLU A 315 -3.50 -10.58 -30.32
CA GLU A 315 -3.30 -9.48 -31.25
C GLU A 315 -3.42 -8.13 -30.55
N ALA A 316 -4.26 -8.04 -29.51
CA ALA A 316 -4.46 -6.78 -28.81
C ALA A 316 -3.15 -6.25 -28.22
N LYS A 317 -2.15 -7.11 -28.02
CA LYS A 317 -0.87 -6.65 -27.52
C LYS A 317 -0.30 -5.55 -28.39
N TYR A 318 -0.59 -5.58 -29.70
CA TYR A 318 -0.17 -4.49 -30.58
C TYR A 318 -0.89 -3.20 -30.21
N ALA A 319 -2.23 -3.25 -30.10
CA ALA A 319 -2.99 -2.05 -29.79
C ALA A 319 -2.50 -1.43 -28.48
N VAL A 320 -2.40 -2.24 -27.43
CA VAL A 320 -1.86 -1.74 -26.16
C VAL A 320 -0.49 -1.13 -26.37
N ALA A 321 0.37 -1.80 -27.15
CA ALA A 321 1.69 -1.26 -27.41
C ALA A 321 1.60 0.13 -28.05
N ILE A 322 0.62 0.33 -28.92
CA ILE A 322 0.42 1.66 -29.51
C ILE A 322 0.00 2.65 -28.42
N GLY A 323 -0.90 2.24 -27.54
CA GLY A 323 -1.37 3.15 -26.51
C GLY A 323 -0.29 3.49 -25.50
N SER A 324 0.32 2.46 -24.89
CA SER A 324 1.30 2.70 -23.85
C SER A 324 2.42 3.61 -24.35
N LEU A 325 3.03 3.26 -25.47
CA LEU A 325 4.13 4.05 -26.00
C LEU A 325 3.71 5.50 -26.22
N CYS A 326 2.44 5.74 -26.52
CA CYS A 326 1.94 7.11 -26.59
C CYS A 326 1.90 7.73 -25.19
N ALA A 327 1.19 7.10 -24.27
CA ALA A 327 1.09 7.65 -22.92
C ALA A 327 2.47 7.81 -22.31
N LEU A 328 3.27 6.74 -22.32
CA LEU A 328 4.61 6.81 -21.74
C LEU A 328 5.44 7.92 -22.38
N SER A 329 5.11 8.30 -23.62
CA SER A 329 5.77 9.45 -24.22
C SER A 329 5.25 10.74 -23.62
N THR A 330 3.93 10.94 -23.65
CA THR A 330 3.37 12.19 -23.13
C THR A 330 3.72 12.38 -21.67
N SER A 331 3.64 11.30 -20.88
CA SER A 331 4.06 11.38 -19.48
C SER A 331 5.53 11.75 -19.39
N LEU A 332 6.39 11.11 -20.21
CA LEU A 332 7.82 11.33 -20.09
C LEU A 332 8.17 12.80 -20.25
N LEU A 333 7.71 13.41 -21.34
CA LEU A 333 7.92 14.84 -21.53
C LEU A 333 7.27 15.64 -20.41
N GLY A 334 6.10 15.20 -19.94
CA GLY A 334 5.46 15.86 -18.83
C GLY A 334 6.33 15.90 -17.60
N SER A 335 7.23 14.93 -17.45
CA SER A 335 8.16 14.91 -16.34
C SER A 335 9.50 15.57 -16.66
N MET A 336 9.77 15.85 -17.94
CA MET A 336 11.05 16.40 -18.35
C MET A 336 11.00 17.91 -18.59
N PHE A 337 9.95 18.40 -19.26
CA PHE A 337 9.89 19.83 -19.55
C PHE A 337 9.96 20.68 -18.28
N PRO A 338 9.22 20.38 -17.21
CA PRO A 338 9.40 21.16 -15.97
C PRO A 338 10.76 20.99 -15.33
N MET A 339 11.51 19.94 -15.68
CA MET A 339 12.71 19.60 -14.92
C MET A 339 13.75 20.72 -14.95
N PRO A 340 14.13 21.28 -16.10
CA PRO A 340 15.10 22.38 -16.07
C PRO A 340 14.53 23.68 -15.52
N ARG A 341 13.21 23.87 -15.61
CA ARG A 341 12.62 25.14 -15.21
C ARG A 341 12.80 25.38 -13.71
N VAL A 342 12.53 24.36 -12.90
CA VAL A 342 12.66 24.52 -11.45
C VAL A 342 14.11 24.79 -11.07
N ILE A 343 15.05 24.04 -11.68
CA ILE A 343 16.45 24.23 -11.36
C ILE A 343 16.89 25.64 -11.75
N TYR A 344 16.47 26.12 -12.93
CA TYR A 344 16.82 27.46 -13.35
C TYR A 344 16.23 28.50 -12.42
N ALA A 345 14.98 28.31 -11.98
CA ALA A 345 14.36 29.26 -11.06
C ALA A 345 15.11 29.31 -9.74
N MET A 346 15.50 28.15 -9.20
CA MET A 346 16.22 28.14 -7.92
C MET A 346 17.60 28.74 -8.07
N ALA A 347 18.30 28.45 -9.18
CA ALA A 347 19.64 29.00 -9.38
C ALA A 347 19.60 30.51 -9.59
N GLU A 348 18.64 31.00 -10.37
CA GLU A 348 18.51 32.43 -10.59
C GLU A 348 18.27 33.17 -9.28
N ASP A 349 17.57 32.53 -8.34
CA ASP A 349 17.35 33.12 -7.03
C ASP A 349 18.55 32.97 -6.11
N GLY A 350 19.57 32.23 -6.53
CA GLY A 350 20.77 32.05 -5.74
C GLY A 350 20.74 30.89 -4.77
N LEU A 351 19.61 30.21 -4.64
CA LEU A 351 19.54 29.06 -3.73
C LEU A 351 20.45 27.94 -4.20
N LEU A 352 20.46 27.65 -5.50
CA LEU A 352 21.36 26.68 -6.09
C LEU A 352 22.58 27.41 -6.67
N PHE A 353 23.52 26.64 -7.20
CA PHE A 353 24.71 27.21 -7.79
C PHE A 353 24.34 28.13 -8.95
N LYS A 354 24.94 29.31 -8.98
CA LYS A 354 24.55 30.31 -9.98
C LYS A 354 24.85 29.85 -11.39
N PHE A 355 25.85 28.98 -11.57
CA PHE A 355 26.20 28.55 -12.92
C PHE A 355 25.06 27.76 -13.58
N LEU A 356 24.11 27.25 -12.79
CA LEU A 356 22.96 26.57 -13.35
C LEU A 356 21.94 27.53 -13.94
N ALA A 357 22.03 28.81 -13.61
CA ALA A 357 21.09 29.82 -14.09
C ALA A 357 21.55 30.51 -15.37
N LYS A 358 22.74 30.18 -15.87
CA LYS A 358 23.25 30.83 -17.06
C LYS A 358 22.55 30.28 -18.29
N ILE A 359 21.88 31.16 -19.03
CA ILE A 359 21.15 30.77 -20.24
C ILE A 359 22.08 30.91 -21.44
N ASN A 360 22.18 29.84 -22.22
CA ASN A 360 23.05 29.86 -23.40
C ASN A 360 22.51 30.86 -24.42
N ASN A 361 23.39 31.71 -24.93
CA ASN A 361 22.98 32.72 -25.89
C ASN A 361 22.47 32.09 -27.19
N ARG A 362 23.16 31.06 -27.68
CA ARG A 362 22.80 30.47 -28.95
C ARG A 362 21.42 29.82 -28.90
N THR A 363 21.13 29.07 -27.83
CA THR A 363 19.87 28.36 -27.71
C THR A 363 18.81 29.15 -26.95
N LYS A 364 19.21 30.11 -26.12
CA LYS A 364 18.27 30.87 -25.31
C LYS A 364 17.55 29.97 -24.30
N THR A 365 18.21 28.90 -23.87
CA THR A 365 17.67 27.94 -22.93
C THR A 365 18.69 27.68 -21.84
N PRO A 366 18.25 27.23 -20.65
CA PRO A 366 19.21 26.86 -19.61
C PRO A 366 19.90 25.55 -19.93
N VAL A 367 20.94 25.62 -20.77
CA VAL A 367 21.56 24.40 -21.29
C VAL A 367 22.18 23.58 -20.17
N ILE A 368 22.89 24.25 -19.25
CA ILE A 368 23.65 23.51 -18.24
C ILE A 368 22.70 22.83 -17.25
N ALA A 369 21.64 23.53 -16.83
CA ALA A 369 20.68 22.92 -15.92
C ALA A 369 20.01 21.71 -16.57
N THR A 370 19.59 21.85 -17.83
CA THR A 370 18.97 20.73 -18.53
C THR A 370 19.94 19.55 -18.65
N VAL A 371 21.20 19.82 -18.99
CA VAL A 371 22.18 18.75 -19.14
C VAL A 371 22.42 18.05 -17.82
N THR A 372 22.56 18.80 -16.74
CA THR A 372 22.82 18.20 -15.43
C THR A 372 21.63 17.34 -15.00
N SER A 373 20.41 17.88 -15.13
CA SER A 373 19.24 17.11 -14.75
C SER A 373 19.09 15.86 -15.60
N GLY A 374 19.35 15.97 -16.90
CA GLY A 374 19.27 14.81 -17.76
C GLY A 374 20.30 13.75 -17.41
N ALA A 375 21.52 14.18 -17.08
CA ALA A 375 22.55 13.22 -16.67
C ALA A 375 22.15 12.51 -15.39
N ILE A 376 21.63 13.26 -14.41
CA ILE A 376 21.22 12.65 -13.15
C ILE A 376 20.10 11.64 -13.40
N ALA A 377 19.11 12.03 -14.22
CA ALA A 377 18.00 11.13 -14.51
C ALA A 377 18.48 9.88 -15.25
N ALA A 378 19.40 10.05 -16.20
CA ALA A 378 19.92 8.91 -16.94
C ALA A 378 20.67 7.96 -16.01
N VAL A 379 21.48 8.50 -15.10
CA VAL A 379 22.20 7.65 -14.16
C VAL A 379 21.22 6.89 -13.27
N MET A 380 20.21 7.59 -12.75
CA MET A 380 19.23 6.94 -11.89
C MET A 380 18.49 5.84 -12.63
N ALA A 381 18.10 6.10 -13.88
CA ALA A 381 17.43 5.08 -14.69
C ALA A 381 18.38 3.94 -15.01
N PHE A 382 19.68 4.21 -15.09
CA PHE A 382 20.65 3.16 -15.36
C PHE A 382 20.83 2.24 -14.17
N LEU A 383 20.78 2.79 -12.95
CA LEU A 383 21.23 2.07 -11.77
C LEU A 383 20.12 1.44 -10.93
N PHE A 384 18.90 2.00 -10.93
CA PHE A 384 17.88 1.60 -9.98
C PHE A 384 16.68 1.01 -10.72
N GLU A 385 15.98 0.08 -10.07
CA GLU A 385 14.82 -0.55 -10.69
C GLU A 385 13.66 0.43 -10.82
N LEU A 386 12.65 0.03 -11.59
CA LEU A 386 11.48 0.89 -11.80
C LEU A 386 10.76 1.16 -10.48
N LYS A 387 10.57 0.12 -9.67
CA LYS A 387 9.84 0.29 -8.42
C LYS A 387 10.57 1.21 -7.46
N ASP A 388 11.90 1.11 -7.40
CA ASP A 388 12.67 1.96 -6.50
C ASP A 388 12.54 3.43 -6.89
N LEU A 389 12.70 3.73 -8.18
CA LEU A 389 12.54 5.10 -8.65
C LEU A 389 11.11 5.58 -8.44
N VAL A 390 10.14 4.70 -8.67
CA VAL A 390 8.74 5.05 -8.46
C VAL A 390 8.52 5.48 -7.01
N ASP A 391 9.01 4.67 -6.07
CA ASP A 391 8.82 4.98 -4.66
C ASP A 391 9.57 6.25 -4.25
N LEU A 392 10.76 6.46 -4.81
CA LEU A 392 11.52 7.67 -4.50
C LEU A 392 10.78 8.92 -4.97
N MET A 393 10.29 8.89 -6.21
CA MET A 393 9.55 10.04 -6.71
C MET A 393 8.27 10.22 -5.91
N SER A 394 7.64 9.12 -5.52
CA SER A 394 6.41 9.21 -4.73
C SER A 394 6.66 9.89 -3.39
N ILE A 395 7.73 9.50 -2.70
CA ILE A 395 8.03 10.12 -1.41
C ILE A 395 8.36 11.59 -1.60
N GLY A 396 9.14 11.93 -2.62
CA GLY A 396 9.45 13.33 -2.86
C GLY A 396 8.21 14.16 -3.14
N THR A 397 7.35 13.65 -4.02
CA THR A 397 6.13 14.39 -4.38
C THR A 397 5.18 14.47 -3.20
N LEU A 398 5.12 13.42 -2.38
CA LEU A 398 4.27 13.47 -1.19
C LEU A 398 4.74 14.52 -0.22
N LEU A 399 6.07 14.62 -0.01
CA LEU A 399 6.57 15.67 0.86
C LEU A 399 6.28 17.05 0.28
N ALA A 400 6.45 17.20 -1.04
CA ALA A 400 6.16 18.49 -1.66
C ALA A 400 4.68 18.86 -1.50
N TYR A 401 3.78 17.90 -1.70
CA TYR A 401 2.36 18.17 -1.56
C TYR A 401 1.99 18.48 -0.11
N SER A 402 2.61 17.78 0.84
CA SER A 402 2.38 18.09 2.25
C SER A 402 2.86 19.50 2.57
N LEU A 403 4.00 19.90 2.01
CA LEU A 403 4.49 21.26 2.20
C LEU A 403 3.51 22.28 1.63
N VAL A 404 2.97 22.01 0.44
CA VAL A 404 2.00 22.92 -0.16
C VAL A 404 0.75 23.01 0.71
N ALA A 405 0.27 21.88 1.23
CA ALA A 405 -0.90 21.89 2.10
C ALA A 405 -0.62 22.68 3.38
N ALA A 406 0.59 22.52 3.94
CA ALA A 406 0.95 23.30 5.12
C ALA A 406 0.99 24.78 4.82
N CYS A 407 1.49 25.16 3.63
CA CYS A 407 1.47 26.56 3.23
C CYS A 407 0.04 27.08 3.15
N VAL A 408 -0.86 26.29 2.57
CA VAL A 408 -2.27 26.69 2.48
C VAL A 408 -2.86 26.87 3.86
N LEU A 409 -2.56 25.93 4.76
CA LEU A 409 -3.09 26.01 6.13
C LEU A 409 -2.57 27.26 6.84
N VAL A 410 -1.29 27.58 6.65
CA VAL A 410 -0.67 28.67 7.40
C VAL A 410 -1.11 30.02 6.85
N LEU A 411 -0.99 30.23 5.54
CA LEU A 411 -1.21 31.56 4.97
C LEU A 411 -2.63 32.05 5.16
N ARG A 412 -3.59 31.16 5.37
CA ARG A 412 -4.98 31.58 5.52
C ARG A 412 -5.19 32.43 6.77
N TYR A 413 -4.31 32.33 7.75
CA TYR A 413 -4.47 33.02 9.03
C TYR A 413 -3.40 34.06 9.28
N GLN A 414 -2.49 34.31 8.33
CA GLN A 414 -1.46 35.31 8.56
C GLN A 414 -1.96 36.69 8.18
N PRO A 415 -1.49 37.74 8.87
CA PRO A 415 -1.90 39.10 8.50
C PRO A 415 -1.31 39.52 7.17
N GLU A 416 -2.01 40.43 6.50
CA GLU A 416 -1.54 40.97 5.22
C GLU A 416 -0.28 41.79 5.46
N GLN A 417 0.86 41.27 4.99
CA GLN A 417 2.12 41.95 5.22
C GLN A 417 2.22 43.20 4.35
N PRO A 418 3.08 44.16 4.73
CA PRO A 418 3.26 45.39 3.96
C PRO A 418 3.59 45.12 2.49
N GLU A 454 6.71 34.17 21.92
CA GLU A 454 6.26 35.36 22.63
C GLU A 454 5.25 35.01 23.71
N LYS A 455 5.02 35.94 24.62
CA LYS A 455 4.06 35.71 25.71
C LYS A 455 2.65 35.59 25.14
N PHE A 456 1.82 34.82 25.85
CA PHE A 456 0.44 34.60 25.43
C PHE A 456 -0.40 34.25 26.65
N SER A 457 -1.71 34.35 26.46
CA SER A 457 -2.68 34.04 27.51
C SER A 457 -3.72 33.07 26.96
N LEU A 458 -4.28 32.25 27.86
CA LEU A 458 -5.24 31.23 27.42
C LEU A 458 -6.46 31.86 26.77
N LYS A 459 -6.97 32.95 27.34
CA LYS A 459 -8.14 33.59 26.76
C LYS A 459 -7.84 34.12 25.35
N SER A 460 -6.66 34.73 25.17
CA SER A 460 -6.29 35.21 23.85
C SER A 460 -6.16 34.07 22.86
N ILE A 461 -5.55 32.96 23.27
CA ILE A 461 -5.31 31.85 22.36
C ILE A 461 -6.62 31.19 21.94
N LEU A 462 -7.48 30.90 22.92
CA LEU A 462 -8.69 30.13 22.64
C LEU A 462 -9.87 30.99 22.22
N SER A 463 -9.96 32.22 22.71
CA SER A 463 -11.10 33.11 22.43
C SER A 463 -10.57 34.46 21.96
N PRO A 464 -9.91 34.53 20.81
CA PRO A 464 -9.50 35.82 20.28
C PRO A 464 -10.71 36.67 19.93
N LYS A 465 -10.58 37.97 20.18
CA LYS A 465 -11.67 38.91 19.92
C LYS A 465 -11.45 39.72 18.64
N ASN A 466 -10.25 39.75 18.11
CA ASN A 466 -9.99 40.49 16.88
C ASN A 466 -10.72 39.83 15.70
N VAL A 467 -11.31 40.67 14.85
CA VAL A 467 -12.08 40.15 13.72
C VAL A 467 -11.18 39.71 12.56
N GLU A 468 -9.98 40.26 12.46
CA GLU A 468 -9.03 39.91 11.41
C GLU A 468 -7.72 39.47 12.04
N PRO A 469 -6.93 38.68 11.32
CA PRO A 469 -5.70 38.14 11.92
C PRO A 469 -4.76 39.24 12.39
N SER A 470 -4.13 39.01 13.54
CA SER A 470 -3.05 39.82 14.04
C SER A 470 -1.75 39.02 14.01
N LYS A 471 -0.63 39.70 14.23
CA LYS A 471 0.65 39.00 14.28
C LYS A 471 0.62 37.91 15.34
N PHE A 472 -0.07 38.15 16.46
CA PHE A 472 -0.19 37.12 17.48
C PHE A 472 -0.95 35.91 16.95
N SER A 473 -2.05 36.13 16.23
CA SER A 473 -2.81 35.03 15.67
C SER A 473 -2.01 34.28 14.62
N GLY A 474 -1.28 35.01 13.77
CA GLY A 474 -0.44 34.35 12.78
C GLY A 474 0.64 33.51 13.40
N LEU A 475 1.27 34.02 14.47
CA LEU A 475 2.28 33.23 15.18
C LEU A 475 1.65 32.00 15.82
N ILE A 476 0.45 32.15 16.38
CA ILE A 476 -0.24 31.00 16.96
C ILE A 476 -0.49 29.95 15.89
N VAL A 477 -0.93 30.37 14.71
CA VAL A 477 -1.23 29.41 13.65
C VAL A 477 0.05 28.75 13.14
N ASN A 478 1.14 29.51 13.05
CA ASN A 478 2.42 28.91 12.65
C ASN A 478 2.85 27.84 13.64
N ILE A 479 2.80 28.17 14.94
CA ILE A 479 3.20 27.22 15.97
C ILE A 479 2.29 26.00 15.94
N SER A 480 0.99 26.22 15.80
CA SER A 480 0.04 25.13 15.76
C SER A 480 0.29 24.22 14.56
N ALA A 481 0.62 24.81 13.41
CA ALA A 481 0.93 24.01 12.24
C ALA A 481 2.16 23.15 12.49
N GLY A 482 3.20 23.72 13.11
CA GLY A 482 4.39 22.93 13.41
C GLY A 482 4.10 21.78 14.34
N LEU A 483 3.40 22.07 15.46
CA LEU A 483 3.05 21.01 16.40
C LEU A 483 2.16 19.97 15.75
N LEU A 484 1.22 20.39 14.90
CA LEU A 484 0.33 19.44 14.25
C LEU A 484 1.08 18.55 13.27
N ALA A 485 2.06 19.11 12.55
CA ALA A 485 2.88 18.29 11.67
C ALA A 485 3.66 17.25 12.47
N ALA A 486 4.29 17.68 13.57
CA ALA A 486 5.02 16.72 14.40
C ALA A 486 4.10 15.65 14.96
N LEU A 487 2.92 16.06 15.42
CA LEU A 487 1.98 15.10 16.01
C LEU A 487 1.43 14.13 14.98
N ILE A 488 1.20 14.61 13.75
CA ILE A 488 0.75 13.73 12.68
C ILE A 488 1.84 12.74 12.32
N ILE A 489 3.10 13.19 12.31
CA ILE A 489 4.21 12.28 12.09
C ILE A 489 4.22 11.20 13.17
N THR A 490 4.03 11.59 14.42
CA THR A 490 3.98 10.63 15.50
C THR A 490 2.82 9.64 15.31
N VAL A 491 1.65 10.15 14.94
CA VAL A 491 0.49 9.28 14.76
C VAL A 491 0.77 8.26 13.67
N CYS A 492 1.31 8.71 12.54
CA CYS A 492 1.58 7.80 11.43
C CYS A 492 2.66 6.78 11.82
N ILE A 493 3.68 7.22 12.56
CA ILE A 493 4.75 6.31 12.97
C ILE A 493 4.17 5.21 13.86
N VAL A 494 3.36 5.59 14.84
CA VAL A 494 2.80 4.58 15.73
C VAL A 494 1.81 3.68 15.00
N ALA A 495 1.05 4.24 14.06
CA ALA A 495 0.07 3.44 13.33
C ALA A 495 0.71 2.49 12.32
N VAL A 496 1.93 2.78 11.86
CA VAL A 496 2.60 1.94 10.89
C VAL A 496 3.61 1.04 11.59
N LEU A 497 4.60 1.65 12.25
CA LEU A 497 5.61 0.87 12.96
C LEU A 497 5.01 0.12 14.13
N GLY A 498 4.06 0.74 14.84
CA GLY A 498 3.43 0.11 15.99
C GLY A 498 2.09 -0.51 15.66
N ARG A 499 1.87 -0.83 14.38
CA ARG A 499 0.59 -1.39 13.96
C ARG A 499 0.27 -2.66 14.74
N GLU A 500 1.21 -3.60 14.77
CA GLU A 500 0.99 -4.85 15.50
C GLU A 500 0.83 -4.58 16.99
N ALA A 501 1.63 -3.67 17.53
CA ALA A 501 1.52 -3.32 18.94
C ALA A 501 0.13 -2.76 19.26
N LEU A 502 -0.38 -1.89 18.39
CA LEU A 502 -1.74 -1.38 18.57
C LEU A 502 -2.76 -2.51 18.49
N ALA A 503 -2.59 -3.41 17.52
CA ALA A 503 -3.49 -4.56 17.44
C ALA A 503 -3.40 -5.42 18.69
N GLU A 504 -2.21 -5.54 19.28
CA GLU A 504 -2.04 -6.28 20.51
C GLU A 504 -2.60 -5.54 21.72
N GLY A 505 -2.78 -4.24 21.63
CA GLY A 505 -3.36 -3.48 22.73
C GLY A 505 -2.38 -3.13 23.84
N THR A 506 -1.08 -3.06 23.54
CA THR A 506 -0.11 -2.69 24.57
C THR A 506 -0.40 -1.26 25.05
N LEU A 507 -0.17 -1.05 26.35
CA LEU A 507 -0.59 0.20 26.97
C LEU A 507 0.13 1.40 26.37
N TRP A 508 1.43 1.27 26.10
CA TRP A 508 2.19 2.44 25.64
C TRP A 508 1.74 2.88 24.26
N ALA A 509 1.57 1.93 23.33
CA ALA A 509 1.17 2.29 21.97
C ALA A 509 -0.22 2.90 21.95
N VAL A 510 -1.17 2.29 22.67
CA VAL A 510 -2.53 2.82 22.70
C VAL A 510 -2.53 4.20 23.34
N PHE A 511 -1.80 4.37 24.44
CA PHE A 511 -1.75 5.68 25.10
C PHE A 511 -1.18 6.74 24.17
N VAL A 512 -0.09 6.43 23.48
CA VAL A 512 0.54 7.41 22.60
C VAL A 512 -0.40 7.74 21.45
N MET A 513 -1.03 6.74 20.85
CA MET A 513 -1.94 7.00 19.73
C MET A 513 -3.12 7.86 20.18
N THR A 514 -3.72 7.53 21.33
CA THR A 514 -4.86 8.29 21.81
C THR A 514 -4.46 9.73 22.10
N GLY A 515 -3.37 9.91 22.84
CA GLY A 515 -2.92 11.26 23.13
C GLY A 515 -2.63 12.05 21.87
N SER A 516 -1.94 11.44 20.91
CA SER A 516 -1.58 12.14 19.68
C SER A 516 -2.82 12.53 18.89
N VAL A 517 -3.79 11.62 18.78
CA VAL A 517 -4.99 11.93 17.98
C VAL A 517 -5.82 13.02 18.64
N LEU A 518 -6.05 12.90 19.96
CA LEU A 518 -6.85 13.91 20.64
C LEU A 518 -6.13 15.26 20.65
N LEU A 519 -4.80 15.27 20.79
CA LEU A 519 -4.09 16.54 20.76
C LEU A 519 -4.02 17.10 19.35
N CYS A 520 -4.04 16.25 18.32
CA CYS A 520 -4.19 16.73 16.95
C CYS A 520 -5.52 17.44 16.78
N MET A 521 -6.60 16.83 17.30
CA MET A 521 -7.91 17.48 17.25
C MET A 521 -7.89 18.80 18.00
N LEU A 522 -7.24 18.83 19.17
CA LEU A 522 -7.17 20.06 19.96
C LEU A 522 -6.43 21.15 19.19
N VAL A 523 -5.30 20.81 18.58
CA VAL A 523 -4.52 21.82 17.85
C VAL A 523 -5.27 22.28 16.62
N THR A 524 -5.97 21.37 15.95
CA THR A 524 -6.80 21.76 14.81
C THR A 524 -7.90 22.72 15.24
N GLY A 525 -8.47 22.49 16.43
CA GLY A 525 -9.44 23.43 16.97
C GLY A 525 -8.82 24.78 17.29
N ILE A 526 -7.59 24.77 17.83
CA ILE A 526 -6.90 26.02 18.12
C ILE A 526 -6.72 26.82 16.83
N ILE A 527 -6.28 26.15 15.77
CA ILE A 527 -6.17 26.81 14.47
C ILE A 527 -7.53 27.28 13.99
N TRP A 528 -8.57 26.49 14.29
CA TRP A 528 -9.93 26.83 13.87
C TRP A 528 -10.39 28.15 14.46
N ARG A 529 -10.10 28.36 15.75
CA ARG A 529 -10.61 29.55 16.44
C ARG A 529 -9.97 30.83 15.94
N GLN A 530 -8.75 30.76 15.40
CA GLN A 530 -8.08 31.97 14.95
C GLN A 530 -8.81 32.56 13.74
N PRO A 531 -8.91 33.89 13.65
CA PRO A 531 -9.59 34.50 12.50
C PRO A 531 -8.83 34.26 11.21
N GLU A 532 -9.59 34.17 10.12
CA GLU A 532 -9.02 33.99 8.79
C GLU A 532 -8.77 35.34 8.14
N SER A 533 -7.79 35.37 7.22
CA SER A 533 -7.49 36.60 6.50
C SER A 533 -8.68 37.02 5.65
N LYS A 534 -9.03 38.31 5.71
CA LYS A 534 -10.15 38.84 4.97
C LYS A 534 -9.84 39.00 3.48
N THR A 535 -8.59 38.80 3.06
CA THR A 535 -8.24 38.97 1.66
C THR A 535 -9.08 38.05 0.79
N LYS A 536 -9.61 38.60 -0.30
CA LYS A 536 -10.41 37.83 -1.23
C LYS A 536 -9.51 37.01 -2.15
N LEU A 537 -9.88 35.76 -2.38
CA LEU A 537 -9.11 34.84 -3.21
C LEU A 537 -9.99 34.29 -4.32
N SER A 538 -9.41 34.16 -5.52
CA SER A 538 -10.16 33.61 -6.64
C SER A 538 -10.59 32.17 -6.37
N PHE A 539 -9.76 31.39 -5.69
CA PHE A 539 -10.08 30.01 -5.35
C PHE A 539 -9.67 29.75 -3.91
N LYS A 540 -10.50 29.00 -3.19
CA LYS A 540 -10.27 28.68 -1.78
C LYS A 540 -10.49 27.20 -1.54
N VAL A 541 -9.73 26.66 -0.58
CA VAL A 541 -9.97 25.32 -0.07
C VAL A 541 -11.20 25.39 0.83
N PRO A 542 -12.25 24.60 0.58
CA PRO A 542 -13.50 24.80 1.33
C PRO A 542 -13.33 24.73 2.84
N PHE A 543 -12.79 23.62 3.34
CA PHE A 543 -12.59 23.41 4.77
C PHE A 543 -11.10 23.56 5.05
N VAL A 544 -10.67 24.81 5.26
CA VAL A 544 -9.26 25.13 5.43
C VAL A 544 -8.72 24.63 6.76
N PRO A 545 -9.50 24.53 7.84
CA PRO A 545 -8.93 24.01 9.10
C PRO A 545 -8.75 22.51 9.11
N VAL A 546 -9.47 21.78 8.26
CA VAL A 546 -9.47 20.32 8.28
C VAL A 546 -8.85 19.74 7.00
N LEU A 547 -9.29 20.23 5.84
CA LEU A 547 -8.86 19.62 4.59
C LEU A 547 -7.34 19.66 4.41
N PRO A 548 -6.64 20.77 4.64
CA PRO A 548 -5.17 20.72 4.57
C PRO A 548 -4.56 19.77 5.59
N VAL A 549 -5.13 19.72 6.79
CA VAL A 549 -4.62 18.81 7.81
C VAL A 549 -4.79 17.37 7.37
N LEU A 550 -5.97 17.03 6.84
CA LEU A 550 -6.19 15.68 6.34
C LEU A 550 -5.26 15.37 5.17
N SER A 551 -5.01 16.35 4.30
CA SER A 551 -4.09 16.13 3.20
C SER A 551 -2.70 15.81 3.72
N ILE A 552 -2.23 16.58 4.70
CA ILE A 552 -0.91 16.32 5.28
C ILE A 552 -0.87 14.94 5.90
N PHE A 553 -1.91 14.58 6.65
CA PHE A 553 -1.94 13.28 7.32
C PHE A 553 -1.90 12.14 6.29
N VAL A 554 -2.71 12.24 5.24
CA VAL A 554 -2.74 11.18 4.24
C VAL A 554 -1.40 11.08 3.52
N ASN A 555 -0.82 12.23 3.17
CA ASN A 555 0.47 12.21 2.48
C ASN A 555 1.55 11.57 3.34
N ILE A 556 1.59 11.94 4.63
CA ILE A 556 2.61 11.38 5.51
C ILE A 556 2.38 9.90 5.73
N TYR A 557 1.12 9.48 5.84
CA TYR A 557 0.82 8.05 5.97
C TYR A 557 1.31 7.27 4.76
N LEU A 558 1.00 7.78 3.55
CA LEU A 558 1.45 7.11 2.33
C LEU A 558 2.97 7.07 2.25
N MET A 559 3.64 8.14 2.69
CA MET A 559 5.09 8.13 2.75
C MET A 559 5.58 7.03 3.70
N MET A 560 4.93 6.89 4.85
CA MET A 560 5.30 5.83 5.78
C MET A 560 5.09 4.44 5.17
N GLN A 561 4.11 4.30 4.28
CA GLN A 561 3.89 3.00 3.65
C GLN A 561 5.06 2.55 2.80
N LEU A 562 5.98 3.44 2.45
CA LEU A 562 7.06 3.12 1.53
C LEU A 562 8.16 2.34 2.26
N ASP A 563 9.08 1.80 1.45
CA ASP A 563 10.11 0.88 1.95
C ASP A 563 11.23 1.64 2.65
N GLN A 564 12.04 0.87 3.38
CA GLN A 564 13.18 1.45 4.09
C GLN A 564 14.22 2.01 3.13
N GLY A 565 14.49 1.29 2.04
CA GLY A 565 15.47 1.77 1.07
C GLY A 565 15.04 3.09 0.44
N THR A 566 13.75 3.23 0.15
CA THR A 566 13.24 4.50 -0.36
C THR A 566 13.49 5.61 0.65
N TRP A 567 13.25 5.35 1.93
CA TRP A 567 13.47 6.36 2.95
C TRP A 567 14.95 6.72 3.05
N VAL A 568 15.83 5.73 2.93
CA VAL A 568 17.27 6.01 2.99
C VAL A 568 17.70 6.88 1.81
N ARG A 569 17.22 6.54 0.60
CA ARG A 569 17.56 7.36 -0.57
C ARG A 569 17.01 8.78 -0.41
N PHE A 570 15.78 8.91 0.08
CA PHE A 570 15.21 10.23 0.30
C PHE A 570 16.00 11.00 1.35
N ALA A 571 16.46 10.32 2.40
CA ALA A 571 17.23 10.97 3.44
C ALA A 571 18.55 11.49 2.91
N VAL A 572 19.25 10.69 2.09
CA VAL A 572 20.52 11.16 1.54
C VAL A 572 20.28 12.31 0.56
N TRP A 573 19.20 12.26 -0.21
CA TRP A 573 18.88 13.36 -1.11
C TRP A 573 18.61 14.64 -0.32
N MET A 574 17.84 14.53 0.76
CA MET A 574 17.55 15.71 1.59
C MET A 574 18.81 16.22 2.26
N LEU A 575 19.71 15.31 2.65
CA LEU A 575 20.98 15.74 3.22
C LEU A 575 21.79 16.53 2.19
N ILE A 576 21.81 16.07 0.95
CA ILE A 576 22.50 16.81 -0.11
C ILE A 576 21.88 18.19 -0.28
N GLY A 577 20.54 18.24 -0.30
CA GLY A 577 19.87 19.52 -0.46
C GLY A 577 20.17 20.49 0.67
N PHE A 578 20.12 19.99 1.91
CA PHE A 578 20.44 20.84 3.06
C PHE A 578 21.88 21.31 3.03
N THR A 579 22.80 20.43 2.64
CA THR A 579 24.19 20.83 2.50
C THR A 579 24.32 21.97 1.48
N ILE A 580 23.67 21.82 0.33
CA ILE A 580 23.73 22.84 -0.70
C ILE A 580 23.18 24.17 -0.17
N TYR A 581 22.03 24.11 0.49
CA TYR A 581 21.40 25.34 0.96
C TYR A 581 22.22 26.03 2.03
N PHE A 582 22.63 25.29 3.07
CA PHE A 582 23.30 25.90 4.22
C PHE A 582 24.76 26.24 3.91
N GLY A 583 25.36 25.61 2.91
CA GLY A 583 26.72 25.95 2.54
C GLY A 583 26.79 27.01 1.46
N TYR A 584 25.83 26.97 0.53
CA TYR A 584 25.82 27.89 -0.59
C TYR A 584 24.54 28.72 -0.67
N GLY A 585 23.37 28.11 -0.47
CA GLY A 585 22.12 28.79 -0.76
C GLY A 585 21.92 30.04 0.08
N ILE A 586 22.17 29.95 1.38
CA ILE A 586 21.90 31.07 2.27
C ILE A 586 22.76 32.27 1.91
N TRP A 587 24.06 32.03 1.64
CA TRP A 587 25.00 33.12 1.44
C TRP A 587 24.92 33.71 0.03
N HIS A 588 24.50 32.94 -0.96
CA HIS A 588 24.44 33.40 -2.34
C HIS A 588 23.01 33.71 -2.79
N SER A 589 22.06 33.77 -1.87
CA SER A 589 20.68 34.07 -2.25
C SER A 589 20.58 35.45 -2.88
N GLU A 590 19.73 35.56 -3.90
CA GLU A 590 19.54 36.84 -4.58
C GLU A 590 18.94 37.90 -3.67
N GLU A 591 18.24 37.50 -2.62
CA GLU A 591 17.66 38.43 -1.67
C GLU A 591 18.60 38.78 -0.53
N ALA A 592 19.79 38.18 -0.49
CA ALA A 592 20.76 38.46 0.57
C ALA A 592 21.20 39.92 0.52
N GLN B 40 -12.10 -58.73 29.60
CA GLN B 40 -11.24 -59.28 28.56
C GLN B 40 -10.75 -58.19 27.62
N VAL B 41 -9.86 -58.55 26.69
CA VAL B 41 -9.26 -57.58 25.79
C VAL B 41 -10.15 -57.41 24.57
N TYR B 42 -10.36 -56.15 24.18
CA TYR B 42 -11.05 -55.80 22.95
C TYR B 42 -10.11 -54.98 22.06
N ASN B 43 -10.40 -55.00 20.77
CA ASN B 43 -9.83 -54.01 19.86
C ASN B 43 -10.59 -52.70 20.08
N ILE B 44 -9.94 -51.77 20.76
CA ILE B 44 -10.50 -50.46 21.11
C ILE B 44 -10.06 -49.46 20.07
N THR B 45 -10.89 -48.45 19.84
CA THR B 45 -10.60 -47.39 18.88
C THR B 45 -11.19 -46.09 19.39
N TRP B 46 -10.32 -45.11 19.65
CA TRP B 46 -10.73 -43.76 19.99
C TRP B 46 -10.82 -42.94 18.72
N GLU B 47 -11.99 -42.32 18.50
CA GLU B 47 -12.24 -41.55 17.29
C GLU B 47 -12.48 -40.09 17.65
N VAL B 48 -11.94 -39.20 16.83
CA VAL B 48 -12.19 -37.77 16.91
C VAL B 48 -12.94 -37.37 15.63
N THR B 49 -14.11 -36.76 15.81
CA THR B 49 -15.02 -36.45 14.73
C THR B 49 -15.22 -34.93 14.63
N ASN B 50 -15.54 -34.47 13.43
CA ASN B 50 -15.79 -33.06 13.19
C ASN B 50 -17.15 -32.68 13.75
N GLY B 51 -17.59 -31.45 13.49
CA GLY B 51 -18.89 -31.01 13.95
C GLY B 51 -20.02 -31.83 13.39
N ASP B 52 -19.88 -32.29 12.14
CA ASP B 52 -20.89 -33.13 11.50
C ASP B 52 -20.89 -34.57 12.01
N ARG B 53 -20.10 -34.87 13.04
CA ARG B 53 -20.05 -36.19 13.65
C ARG B 53 -19.53 -37.25 12.68
N GLU B 54 -18.61 -36.85 11.80
CA GLU B 54 -17.92 -37.77 10.92
C GLU B 54 -16.48 -37.92 11.40
N THR B 55 -16.03 -39.16 11.54
CA THR B 55 -14.69 -39.42 12.08
C THR B 55 -13.64 -38.79 11.18
N VAL B 56 -12.81 -37.93 11.76
CA VAL B 56 -11.70 -37.31 11.04
C VAL B 56 -10.35 -37.80 11.52
N TRP B 57 -10.28 -38.41 12.71
CA TRP B 57 -9.02 -38.95 13.21
C TRP B 57 -9.34 -40.15 14.09
N ALA B 58 -8.38 -41.06 14.23
CA ALA B 58 -8.64 -42.25 15.03
C ALA B 58 -7.31 -42.89 15.44
N ILE B 59 -7.37 -43.60 16.56
CA ILE B 59 -6.27 -44.44 17.03
C ILE B 59 -6.87 -45.73 17.59
N SER B 60 -6.12 -46.82 17.45
CA SER B 60 -6.63 -48.13 17.82
C SER B 60 -5.57 -48.92 18.57
N GLY B 61 -6.04 -49.88 19.37
CA GLY B 61 -5.14 -50.75 20.10
C GLY B 61 -5.91 -51.85 20.81
N ASN B 62 -5.19 -52.92 21.13
CA ASN B 62 -5.77 -54.06 21.84
C ASN B 62 -5.62 -53.84 23.34
N HIS B 63 -6.72 -53.63 24.04
CA HIS B 63 -6.68 -53.31 25.46
C HIS B 63 -8.01 -53.71 26.09
N PRO B 64 -8.05 -53.85 27.41
CA PRO B 64 -9.34 -54.00 28.09
C PRO B 64 -10.13 -52.70 28.02
N LEU B 65 -11.46 -52.84 28.08
CA LEU B 65 -12.33 -51.67 28.00
C LEU B 65 -12.14 -50.78 29.22
N TRP B 66 -12.10 -49.47 28.97
CA TRP B 66 -11.95 -48.46 30.02
C TRP B 66 -10.62 -48.58 30.77
N THR B 67 -9.60 -49.12 30.12
CA THR B 67 -8.25 -49.17 30.67
C THR B 67 -7.22 -48.45 29.82
N TRP B 68 -7.54 -48.12 28.57
CA TRP B 68 -6.63 -47.45 27.65
C TRP B 68 -7.11 -46.03 27.44
N TRP B 69 -6.28 -45.05 27.82
CA TRP B 69 -6.61 -43.64 27.71
C TRP B 69 -5.44 -42.93 27.03
N PRO B 70 -5.29 -43.12 25.72
CA PRO B 70 -4.15 -42.55 25.01
C PRO B 70 -4.30 -41.05 24.82
N VAL B 71 -3.21 -40.43 24.38
CA VAL B 71 -3.19 -39.01 24.06
C VAL B 71 -3.65 -38.85 22.61
N LEU B 72 -4.90 -38.43 22.42
CA LEU B 72 -5.40 -38.18 21.07
C LEU B 72 -4.70 -36.98 20.48
N THR B 73 -4.22 -37.11 19.25
CA THR B 73 -3.48 -36.06 18.57
C THR B 73 -4.10 -35.77 17.21
N PRO B 74 -5.38 -35.37 17.19
CA PRO B 74 -5.98 -34.93 15.93
C PRO B 74 -5.46 -33.57 15.52
N ASP B 75 -5.45 -33.32 14.22
CA ASP B 75 -5.08 -32.01 13.71
C ASP B 75 -6.24 -31.04 13.85
N LEU B 76 -5.94 -29.82 14.29
CA LEU B 76 -6.98 -28.82 14.44
C LEU B 76 -7.72 -28.60 13.12
N CYS B 77 -7.03 -28.78 12.00
CA CYS B 77 -7.67 -28.63 10.70
C CYS B 77 -8.56 -29.82 10.38
N MET B 78 -8.21 -31.01 10.87
CA MET B 78 -9.05 -32.18 10.64
C MET B 78 -10.43 -31.97 11.26
N LEU B 79 -10.48 -31.36 12.45
CA LEU B 79 -11.77 -31.06 13.07
C LEU B 79 -12.59 -30.11 12.22
N ALA B 80 -11.93 -29.28 11.42
CA ALA B 80 -12.61 -28.29 10.59
C ALA B 80 -13.05 -28.83 9.24
N LEU B 81 -12.67 -30.06 8.90
CA LEU B 81 -13.10 -30.64 7.63
C LEU B 81 -14.63 -30.69 7.58
N SER B 82 -15.20 -30.18 6.49
CA SER B 82 -16.64 -30.04 6.35
C SER B 82 -17.23 -29.24 7.50
N GLY B 83 -16.45 -28.29 8.02
CA GLY B 83 -16.85 -27.52 9.18
C GLY B 83 -17.33 -26.12 8.81
N PRO B 84 -17.19 -25.18 9.73
CA PRO B 84 -17.65 -23.80 9.48
C PRO B 84 -16.90 -23.19 8.32
N PRO B 85 -17.50 -22.21 7.63
CA PRO B 85 -16.85 -21.64 6.44
C PRO B 85 -15.53 -20.95 6.72
N HIS B 86 -15.30 -20.50 7.95
CA HIS B 86 -14.10 -19.71 8.23
C HIS B 86 -12.83 -20.50 7.93
N TRP B 87 -12.79 -21.77 8.33
CA TRP B 87 -11.58 -22.57 8.19
C TRP B 87 -11.27 -22.93 6.75
N GLY B 88 -12.20 -22.70 5.81
CA GLY B 88 -11.97 -22.99 4.41
C GLY B 88 -12.00 -24.45 4.04
N LEU B 89 -12.49 -25.32 4.93
CA LEU B 89 -12.56 -26.76 4.66
C LEU B 89 -14.00 -27.26 4.71
N GLU B 90 -14.98 -26.39 4.47
CA GLU B 90 -16.38 -26.78 4.56
C GLU B 90 -16.78 -27.76 3.46
N TYR B 91 -15.99 -27.88 2.40
CA TYR B 91 -16.28 -28.80 1.30
C TYR B 91 -15.25 -29.92 1.21
N GLN B 92 -14.50 -30.17 2.28
CA GLN B 92 -13.47 -31.21 2.30
C GLN B 92 -13.96 -32.40 3.11
N ALA B 93 -13.84 -33.59 2.53
CA ALA B 93 -14.28 -34.81 3.19
C ALA B 93 -13.29 -35.22 4.27
N PRO B 94 -13.74 -36.03 5.24
CA PRO B 94 -12.81 -36.51 6.28
C PRO B 94 -11.68 -37.33 5.68
N TYR B 95 -10.52 -37.24 6.32
CA TYR B 95 -9.29 -37.93 5.90
C TYR B 95 -8.72 -37.38 4.61
N SER B 96 -9.22 -36.25 4.12
CA SER B 96 -8.71 -35.67 2.89
C SER B 96 -7.34 -35.04 3.12
N SER B 97 -6.56 -34.98 2.04
CA SER B 97 -5.22 -34.42 2.11
C SER B 97 -5.27 -32.92 2.32
N PRO B 98 -4.23 -32.33 2.90
CA PRO B 98 -4.22 -30.87 3.12
C PRO B 98 -4.21 -30.13 1.80
N PRO B 99 -5.13 -29.19 1.61
CA PRO B 99 -5.17 -28.43 0.35
C PRO B 99 -4.13 -27.32 0.33
N GLY B 100 -3.96 -26.74 -0.86
CA GLY B 100 -3.07 -25.62 -1.05
C GLY B 100 -1.78 -26.02 -1.74
N PRO B 101 -1.19 -25.10 -2.50
CA PRO B 101 0.05 -25.41 -3.19
C PRO B 101 1.21 -25.50 -2.21
N PRO B 102 2.26 -26.26 -2.53
CA PRO B 102 3.39 -26.37 -1.60
C PRO B 102 4.20 -25.09 -1.55
N CYS B 103 4.86 -24.88 -0.40
CA CYS B 103 5.79 -23.77 -0.25
C CYS B 103 7.09 -24.08 -0.98
N CYS B 104 7.68 -23.05 -1.58
CA CYS B 104 8.96 -23.23 -2.26
C CYS B 104 10.08 -23.57 -1.28
N SER B 105 9.89 -23.28 0.00
CA SER B 105 10.88 -23.57 1.04
C SER B 105 10.71 -24.97 1.63
N GLY B 106 9.75 -25.74 1.16
CA GLY B 106 9.54 -27.07 1.68
C GLY B 106 10.68 -28.02 1.35
N SER B 107 10.68 -29.16 2.03
CA SER B 107 11.73 -30.15 1.83
C SER B 107 11.79 -30.63 0.38
N SER B 108 10.66 -30.58 -0.33
CA SER B 108 10.63 -31.00 -1.72
C SER B 108 11.25 -29.97 -2.67
N GLY B 109 11.55 -28.78 -2.18
CA GLY B 109 12.17 -27.77 -3.02
C GLY B 109 11.16 -27.03 -3.88
N SER B 110 11.68 -26.16 -4.73
CA SER B 110 10.84 -25.37 -5.61
C SER B 110 10.18 -26.25 -6.67
N SER B 111 9.02 -25.82 -7.13
CA SER B 111 8.28 -26.55 -8.16
C SER B 111 7.35 -25.56 -8.85
N ALA B 112 6.72 -26.04 -9.92
CA ALA B 112 5.80 -25.19 -10.67
C ALA B 112 4.66 -24.71 -9.77
N GLY B 113 4.46 -23.40 -9.75
CA GLY B 113 3.38 -22.83 -8.97
C GLY B 113 3.61 -22.83 -7.48
N CYS B 114 4.84 -23.05 -7.03
CA CYS B 114 5.12 -23.05 -5.60
C CYS B 114 4.88 -21.66 -5.02
N SER B 115 4.48 -21.63 -3.75
CA SER B 115 4.10 -20.38 -3.09
C SER B 115 5.23 -19.90 -2.19
N ARG B 116 5.50 -18.60 -2.25
CA ARG B 116 6.45 -17.95 -1.36
C ARG B 116 5.78 -17.28 -0.18
N ASP B 117 4.45 -17.42 -0.04
CA ASP B 117 3.76 -16.83 1.10
C ASP B 117 4.26 -17.41 2.42
N CYS B 118 4.71 -18.68 2.40
CA CYS B 118 5.19 -19.32 3.62
C CYS B 118 6.46 -18.64 4.15
N ASP B 119 7.12 -17.82 3.34
CA ASP B 119 8.26 -17.04 3.78
C ASP B 119 7.90 -15.58 4.05
N GLU B 120 6.83 -15.07 3.44
CA GLU B 120 6.42 -13.69 3.66
C GLU B 120 5.81 -13.54 5.05
N PRO B 121 5.72 -12.30 5.54
CA PRO B 121 5.10 -12.09 6.87
C PRO B 121 3.68 -12.64 6.91
N LEU B 122 3.31 -13.19 8.07
CA LEU B 122 2.01 -13.79 8.28
C LEU B 122 1.01 -12.83 8.92
N THR B 123 1.32 -11.54 8.96
CA THR B 123 0.47 -10.57 9.66
C THR B 123 -0.94 -10.56 9.07
N SER B 124 -1.06 -10.22 7.78
CA SER B 124 -2.37 -10.06 7.18
C SER B 124 -3.13 -11.37 7.10
N LEU B 125 -2.41 -12.49 6.99
CA LEU B 125 -3.04 -13.78 6.77
C LEU B 125 -4.09 -14.07 7.84
N THR B 126 -5.20 -14.69 7.43
CA THR B 126 -6.22 -15.14 8.34
C THR B 126 -5.86 -16.52 8.89
N PRO B 127 -6.04 -16.76 10.20
CA PRO B 127 -5.77 -18.10 10.72
C PRO B 127 -6.82 -19.11 10.28
N ARG B 128 -6.45 -19.97 9.34
CA ARG B 128 -7.35 -20.98 8.80
C ARG B 128 -6.50 -22.13 8.26
N CYS B 129 -7.14 -23.05 7.53
CA CYS B 129 -6.51 -24.32 7.17
C CYS B 129 -6.61 -24.63 5.68
N ASN B 130 -6.90 -23.64 4.84
CA ASN B 130 -7.05 -23.89 3.40
C ASN B 130 -5.74 -23.79 2.64
N THR B 131 -4.67 -23.29 3.26
CA THR B 131 -3.38 -23.19 2.59
C THR B 131 -2.27 -23.35 3.63
N ALA B 132 -1.07 -23.67 3.15
CA ALA B 132 0.05 -23.90 4.04
C ALA B 132 0.40 -22.63 4.83
N TRP B 133 0.40 -21.48 4.18
CA TRP B 133 0.71 -20.24 4.88
C TRP B 133 -0.42 -19.86 5.84
N ASN B 134 -1.67 -20.14 5.47
CA ASN B 134 -2.77 -19.95 6.40
C ASN B 134 -2.62 -20.87 7.60
N ARG B 135 -2.15 -22.09 7.39
CA ARG B 135 -1.90 -23.00 8.50
C ARG B 135 -0.75 -22.49 9.38
N LEU B 136 0.27 -21.88 8.77
CA LEU B 136 1.32 -21.26 9.55
C LEU B 136 0.77 -20.12 10.41
N LYS B 137 -0.11 -19.31 9.83
CA LYS B 137 -0.74 -18.24 10.60
C LYS B 137 -1.58 -18.80 11.74
N LEU B 138 -2.30 -19.89 11.48
CA LEU B 138 -3.08 -20.53 12.54
C LEU B 138 -2.18 -21.04 13.66
N ASP B 139 -1.04 -21.64 13.30
CA ASP B 139 -0.09 -22.09 14.31
C ASP B 139 0.44 -20.92 15.12
N GLN B 140 0.77 -19.81 14.46
CA GLN B 140 1.24 -18.63 15.17
C GLN B 140 0.17 -18.11 16.13
N VAL B 141 -1.08 -18.07 15.68
CA VAL B 141 -2.16 -17.59 16.54
C VAL B 141 -2.32 -18.50 17.75
N THR B 142 -2.27 -19.81 17.53
CA THR B 142 -2.41 -20.77 18.62
C THR B 142 -1.18 -20.82 19.52
N HIS B 143 -0.05 -20.25 19.11
CA HIS B 143 1.18 -20.29 19.88
C HIS B 143 1.60 -18.93 20.41
N LYS B 144 0.89 -17.85 20.07
CA LYS B 144 1.20 -16.54 20.61
C LYS B 144 0.60 -16.40 22.00
N SER B 145 1.39 -15.87 22.94
CA SER B 145 0.92 -15.78 24.33
C SER B 145 -0.33 -14.90 24.43
N SER B 146 -0.35 -13.78 23.73
CA SER B 146 -1.51 -12.90 23.75
C SER B 146 -2.71 -13.49 23.03
N GLU B 147 -2.52 -14.59 22.30
CA GLU B 147 -3.59 -15.26 21.56
C GLU B 147 -3.63 -16.73 21.98
N GLY B 148 -4.41 -17.52 21.27
CA GLY B 148 -4.52 -18.94 21.53
C GLY B 148 -5.90 -19.44 21.18
N PHE B 149 -6.25 -20.56 21.80
CA PHE B 149 -7.56 -21.18 21.61
C PHE B 149 -8.08 -21.70 22.94
N TYR B 150 -9.39 -21.69 23.09
CA TYR B 150 -10.05 -22.19 24.29
C TYR B 150 -11.17 -23.13 23.90
N VAL B 151 -11.39 -24.13 24.76
CA VAL B 151 -12.35 -25.21 24.50
C VAL B 151 -13.40 -25.20 25.60
N CYS B 152 -14.66 -25.35 25.19
CA CYS B 152 -15.79 -25.41 26.09
C CYS B 152 -16.55 -26.72 25.89
N PRO B 153 -17.19 -27.25 26.92
CA PRO B 153 -17.88 -28.53 26.81
C PRO B 153 -19.28 -28.37 26.22
N GLY B 154 -19.84 -29.52 25.80
CA GLY B 154 -21.14 -29.53 25.14
C GLY B 154 -22.24 -30.13 25.98
N SER B 155 -22.90 -31.17 25.45
CA SER B 155 -24.06 -31.74 26.12
C SER B 155 -23.72 -32.35 27.46
N HIS B 156 -22.47 -32.74 27.69
CA HIS B 156 -22.08 -33.37 28.94
C HIS B 156 -21.84 -32.36 30.06
N ARG B 157 -21.94 -31.06 29.78
CA ARG B 157 -21.76 -30.06 30.81
C ARG B 157 -22.91 -30.12 31.81
N PRO B 158 -22.67 -29.69 33.05
CA PRO B 158 -23.76 -29.69 34.04
C PRO B 158 -24.84 -28.69 33.67
N ARG B 159 -26.04 -28.95 34.18
CA ARG B 159 -27.18 -28.09 33.86
C ARG B 159 -26.92 -26.65 34.26
N GLU B 160 -26.11 -26.42 35.30
CA GLU B 160 -25.82 -25.06 35.73
C GLU B 160 -25.11 -24.25 34.65
N ALA B 161 -24.51 -24.90 33.66
CA ALA B 161 -23.85 -24.24 32.56
C ALA B 161 -24.72 -24.12 31.32
N LYS B 162 -26.03 -24.39 31.46
CA LYS B 162 -26.92 -24.37 30.31
C LYS B 162 -26.96 -23.02 29.63
N SER B 163 -26.56 -21.95 30.32
CA SER B 163 -26.50 -20.61 29.73
C SER B 163 -25.26 -20.40 28.88
N CYS B 164 -24.55 -21.47 28.50
CA CYS B 164 -23.31 -21.35 27.75
C CYS B 164 -23.53 -21.34 26.24
N GLY B 165 -24.77 -21.43 25.77
CA GLY B 165 -25.06 -21.37 24.35
C GLY B 165 -25.11 -22.74 23.70
N GLY B 166 -25.48 -22.72 22.42
CA GLY B 166 -25.64 -23.93 21.64
C GLY B 166 -24.44 -24.24 20.78
N PRO B 167 -24.56 -25.28 19.94
CA PRO B 167 -23.42 -25.65 19.08
C PRO B 167 -22.96 -24.53 18.17
N ASP B 168 -23.88 -23.71 17.66
CA ASP B 168 -23.48 -22.59 16.81
C ASP B 168 -22.56 -21.63 17.55
N SER B 169 -22.88 -21.35 18.82
CA SER B 169 -21.99 -20.55 19.66
C SER B 169 -20.72 -21.29 20.06
N PHE B 170 -20.63 -22.59 19.76
CA PHE B 170 -19.50 -23.42 20.15
C PHE B 170 -19.45 -23.64 21.66
N TYR B 171 -20.58 -23.49 22.35
CA TYR B 171 -20.68 -23.67 23.80
C TYR B 171 -19.77 -22.71 24.55
N CYS B 172 -19.44 -21.57 23.95
CA CYS B 172 -18.61 -20.54 24.55
C CYS B 172 -19.29 -19.18 24.46
N ALA B 173 -20.58 -19.15 24.82
CA ALA B 173 -21.34 -17.91 24.71
C ALA B 173 -20.74 -16.79 25.54
N SER B 174 -20.13 -17.11 26.67
CA SER B 174 -19.54 -16.10 27.55
C SER B 174 -18.36 -16.70 28.29
N TRP B 175 -17.51 -15.82 28.79
CA TRP B 175 -16.33 -16.27 29.53
C TRP B 175 -16.74 -17.01 30.79
N GLY B 176 -15.94 -18.01 31.15
CA GLY B 176 -16.22 -18.90 32.25
C GLY B 176 -16.80 -20.25 31.83
N CYS B 177 -17.35 -20.33 30.63
CA CYS B 177 -17.80 -21.62 30.12
C CYS B 177 -16.64 -22.50 29.66
N GLU B 178 -15.56 -21.88 29.18
CA GLU B 178 -14.39 -22.65 28.77
C GLU B 178 -13.84 -23.46 29.93
N THR B 179 -13.47 -24.70 29.64
CA THR B 179 -12.93 -25.61 30.63
C THR B 179 -11.47 -25.97 30.41
N THR B 180 -10.95 -25.81 29.20
CA THR B 180 -9.56 -26.12 28.89
C THR B 180 -9.15 -25.32 27.66
N GLY B 181 -7.88 -25.43 27.31
CA GLY B 181 -7.34 -24.71 26.16
C GLY B 181 -6.00 -24.09 26.45
N ARG B 182 -5.32 -23.61 25.40
CA ARG B 182 -4.01 -23.00 25.53
C ARG B 182 -4.17 -21.48 25.42
N VAL B 183 -4.16 -20.81 26.57
CA VAL B 183 -4.38 -19.36 26.63
C VAL B 183 -3.75 -18.87 27.92
N TYR B 184 -3.53 -17.56 28.01
CA TYR B 184 -2.78 -17.01 29.13
C TYR B 184 -3.49 -17.26 30.46
N TRP B 185 -4.83 -17.16 30.47
CA TRP B 185 -5.54 -17.38 31.73
C TRP B 185 -5.54 -18.85 32.13
N LYS B 186 -5.13 -19.76 31.25
CA LYS B 186 -4.92 -21.17 31.58
C LYS B 186 -6.14 -21.75 32.27
N PRO B 187 -7.24 -21.97 31.54
CA PRO B 187 -8.45 -22.50 32.16
C PRO B 187 -8.30 -23.97 32.52
N SER B 188 -9.02 -24.37 33.56
CA SER B 188 -9.04 -25.77 33.99
C SER B 188 -10.39 -26.06 34.62
N SER B 189 -10.78 -27.33 34.58
CA SER B 189 -12.04 -27.79 35.14
C SER B 189 -11.80 -29.05 35.95
N SER B 190 -12.46 -29.13 37.10
CA SER B 190 -12.39 -30.30 37.97
C SER B 190 -13.37 -31.39 37.56
N TRP B 191 -14.21 -31.15 36.54
CA TRP B 191 -15.18 -32.12 36.08
C TRP B 191 -15.15 -32.37 34.58
N ASP B 192 -14.52 -31.49 33.80
CA ASP B 192 -14.44 -31.71 32.36
C ASP B 192 -13.60 -32.95 32.07
N TYR B 193 -13.95 -33.64 30.97
CA TYR B 193 -13.42 -34.96 30.69
C TYR B 193 -12.11 -34.94 29.89
N ILE B 194 -11.69 -33.78 29.37
CA ILE B 194 -10.48 -33.70 28.56
C ILE B 194 -9.79 -32.36 28.80
N THR B 195 -8.49 -32.33 28.51
CA THR B 195 -7.69 -31.12 28.47
C THR B 195 -7.01 -31.04 27.11
N VAL B 196 -7.08 -29.87 26.48
CA VAL B 196 -6.60 -29.67 25.12
C VAL B 196 -5.46 -28.66 25.15
N ASP B 197 -4.36 -28.99 24.46
CA ASP B 197 -3.20 -28.12 24.37
C ASP B 197 -2.59 -28.26 22.98
N ASN B 198 -1.53 -27.50 22.72
CA ASN B 198 -0.79 -27.63 21.47
C ASN B 198 0.22 -28.76 21.59
N ASN B 199 0.24 -29.64 20.58
CA ASN B 199 1.12 -30.81 20.64
C ASN B 199 2.55 -30.45 20.29
N LEU B 200 2.76 -29.73 19.19
CA LEU B 200 4.09 -29.35 18.73
C LEU B 200 4.35 -27.88 19.06
N THR B 201 5.59 -27.58 19.45
CA THR B 201 6.00 -26.19 19.60
C THR B 201 6.05 -25.53 18.22
N THR B 202 6.20 -24.21 18.24
CA THR B 202 6.18 -23.46 16.98
C THR B 202 7.28 -23.93 16.04
N SER B 203 8.51 -24.07 16.56
CA SER B 203 9.62 -24.44 15.71
C SER B 203 9.42 -25.80 15.07
N GLN B 204 8.93 -26.77 15.85
CA GLN B 204 8.71 -28.11 15.31
C GLN B 204 7.63 -28.12 14.25
N ALA B 205 6.70 -27.17 14.30
CA ALA B 205 5.56 -27.15 13.39
C ALA B 205 5.76 -26.29 12.16
N VAL B 206 6.68 -25.33 12.20
CA VAL B 206 6.90 -24.48 11.02
C VAL B 206 7.34 -25.31 9.83
N GLN B 207 8.30 -26.22 10.04
CA GLN B 207 8.77 -27.04 8.93
C GLN B 207 7.67 -27.97 8.41
N VAL B 208 6.88 -28.54 9.32
CA VAL B 208 5.79 -29.40 8.91
C VAL B 208 4.79 -28.62 8.07
N CYS B 209 4.50 -27.38 8.46
CA CYS B 209 3.64 -26.54 7.64
C CYS B 209 4.25 -26.30 6.26
N LYS B 210 5.55 -25.99 6.22
CA LYS B 210 6.21 -25.70 4.95
C LYS B 210 6.32 -26.93 4.06
N ASP B 211 6.13 -28.13 4.61
CA ASP B 211 6.11 -29.34 3.81
C ASP B 211 4.74 -29.61 3.21
N ASN B 212 3.75 -28.76 3.48
CA ASN B 212 2.39 -28.90 2.97
C ASN B 212 1.67 -30.10 3.60
N LYS B 213 1.97 -30.39 4.86
CA LYS B 213 1.31 -31.44 5.62
C LYS B 213 0.43 -30.81 6.70
N TRP B 214 -0.44 -31.64 7.28
CA TRP B 214 -1.19 -31.22 8.45
C TRP B 214 -0.22 -30.86 9.57
N CYS B 215 -0.25 -29.59 10.01
CA CYS B 215 0.78 -29.08 10.90
C CYS B 215 0.20 -28.32 12.08
N ASN B 216 -1.02 -28.66 12.50
CA ASN B 216 -1.64 -28.10 13.69
C ASN B 216 -2.18 -29.23 14.56
N PRO B 217 -1.31 -30.10 15.07
CA PRO B 217 -1.75 -31.24 15.88
C PRO B 217 -2.08 -30.81 17.30
N LEU B 218 -3.32 -31.05 17.72
CA LEU B 218 -3.70 -30.83 19.10
C LEU B 218 -3.22 -32.00 19.97
N ALA B 219 -3.23 -31.78 21.28
CA ALA B 219 -2.94 -32.82 22.26
C ALA B 219 -4.09 -32.84 23.25
N ILE B 220 -4.83 -33.94 23.25
CA ILE B 220 -6.02 -34.10 24.09
C ILE B 220 -5.71 -35.20 25.11
N GLN B 221 -5.83 -34.86 26.39
CA GLN B 221 -5.52 -35.77 27.48
C GLN B 221 -6.78 -35.98 28.33
N PHE B 222 -7.14 -37.24 28.56
CA PHE B 222 -8.31 -37.54 29.37
C PHE B 222 -8.04 -37.18 30.82
N THR B 223 -8.98 -36.47 31.44
CA THR B 223 -8.89 -36.14 32.85
C THR B 223 -9.34 -37.34 33.69
N ASN B 224 -9.12 -37.24 35.00
CA ASN B 224 -9.58 -38.29 35.90
C ASN B 224 -11.09 -38.46 35.81
N ALA B 225 -11.83 -37.35 35.74
CA ALA B 225 -13.26 -37.43 35.53
C ALA B 225 -13.59 -38.11 34.21
N GLY B 226 -12.87 -37.76 33.15
CA GLY B 226 -13.08 -38.43 31.87
C GLY B 226 -12.74 -39.90 31.93
N LYS B 227 -11.64 -40.24 32.62
CA LYS B 227 -11.28 -41.65 32.76
C LYS B 227 -12.34 -42.41 33.55
N GLN B 228 -13.01 -41.76 34.48
CA GLN B 228 -14.06 -42.38 35.27
C GLN B 228 -15.40 -42.47 34.51
N VAL B 229 -15.52 -41.81 33.37
CA VAL B 229 -16.76 -41.78 32.62
C VAL B 229 -16.81 -42.97 31.67
N THR B 230 -18.02 -43.47 31.42
CA THR B 230 -18.24 -44.65 30.60
C THR B 230 -19.12 -44.38 29.38
N SER B 231 -19.75 -43.21 29.29
CA SER B 231 -20.68 -42.91 28.20
C SER B 231 -19.97 -42.53 26.91
N TRP B 232 -18.65 -42.72 26.81
CA TRP B 232 -17.94 -42.36 25.59
C TRP B 232 -18.50 -43.07 24.35
N THR B 233 -19.14 -44.22 24.54
CA THR B 233 -19.74 -44.92 23.40
C THR B 233 -20.71 -44.02 22.65
N THR B 234 -21.40 -43.12 23.36
CA THR B 234 -22.32 -42.19 22.71
C THR B 234 -21.63 -40.94 22.19
N GLY B 235 -20.37 -40.71 22.56
CA GLY B 235 -19.63 -39.56 22.07
C GLY B 235 -19.90 -38.30 22.86
N HIS B 236 -18.84 -37.60 23.24
CA HIS B 236 -18.93 -36.33 23.96
C HIS B 236 -18.27 -35.24 23.11
N TYR B 237 -18.90 -34.08 23.06
CA TYR B 237 -18.55 -33.05 22.09
C TYR B 237 -18.16 -31.75 22.77
N TRP B 238 -17.16 -31.07 22.19
CA TRP B 238 -16.66 -29.81 22.67
C TRP B 238 -16.66 -28.80 21.52
N GLY B 239 -16.56 -27.53 21.89
CA GLY B 239 -16.38 -26.45 20.93
C GLY B 239 -15.07 -25.74 21.18
N LEU B 240 -14.37 -25.41 20.10
CA LEU B 240 -13.04 -24.80 20.19
C LEU B 240 -13.06 -23.48 19.44
N ARG B 241 -12.63 -22.41 20.11
CA ARG B 241 -12.64 -21.07 19.53
C ARG B 241 -11.26 -20.43 19.71
N LEU B 242 -10.75 -19.83 18.64
CA LEU B 242 -9.49 -19.11 18.73
C LEU B 242 -9.68 -17.78 19.47
N TYR B 243 -8.66 -17.42 20.25
CA TYR B 243 -8.67 -16.15 21.00
C TYR B 243 -7.94 -15.12 20.16
N VAL B 244 -8.70 -14.34 19.39
CA VAL B 244 -8.14 -13.34 18.49
C VAL B 244 -8.95 -12.06 18.64
N SER B 245 -8.45 -10.99 18.01
CA SER B 245 -9.13 -9.70 18.01
C SER B 245 -10.16 -9.70 16.90
N GLY B 246 -11.37 -10.13 17.23
CA GLY B 246 -12.44 -10.19 16.25
C GLY B 246 -13.50 -11.19 16.68
N ARG B 247 -14.05 -11.89 15.69
CA ARG B 247 -15.15 -12.82 15.95
C ARG B 247 -14.74 -13.99 16.81
N ASP B 248 -13.45 -14.28 16.93
CA ASP B 248 -12.99 -15.50 17.58
C ASP B 248 -13.67 -16.70 16.93
N PRO B 249 -13.46 -16.90 15.62
CA PRO B 249 -14.13 -18.01 14.93
C PRO B 249 -13.74 -19.35 15.52
N GLY B 250 -14.69 -20.28 15.50
CA GLY B 250 -14.46 -21.59 16.08
C GLY B 250 -15.11 -22.73 15.34
N LEU B 251 -15.07 -23.91 15.95
CA LEU B 251 -15.63 -25.13 15.36
C LEU B 251 -16.12 -26.02 16.49
N THR B 252 -16.76 -27.12 16.11
CA THR B 252 -17.23 -28.13 17.05
C THR B 252 -16.59 -29.46 16.69
N PHE B 253 -16.05 -30.15 17.69
CA PHE B 253 -15.45 -31.46 17.51
C PHE B 253 -15.99 -32.39 18.57
N GLY B 254 -15.69 -33.68 18.42
CA GLY B 254 -16.17 -34.67 19.36
C GLY B 254 -15.21 -35.84 19.49
N ILE B 255 -15.31 -36.52 20.62
CA ILE B 255 -14.51 -37.71 20.91
C ILE B 255 -15.47 -38.84 21.26
N ARG B 256 -15.28 -39.99 20.63
CA ARG B 256 -16.13 -41.15 20.87
C ARG B 256 -15.27 -42.41 20.89
N LEU B 257 -15.88 -43.50 21.34
CA LEU B 257 -15.22 -44.79 21.48
C LEU B 257 -15.96 -45.84 20.67
N ARG B 258 -15.20 -46.70 20.00
CA ARG B 258 -15.73 -47.90 19.37
C ARG B 258 -14.86 -49.08 19.79
N TYR B 259 -15.42 -50.27 19.73
CA TYR B 259 -14.66 -51.45 20.12
C TYR B 259 -15.30 -52.69 19.54
N GLN B 260 -14.47 -53.71 19.31
CA GLN B 260 -14.93 -55.01 18.84
C GLN B 260 -14.07 -56.09 19.47
N ASN B 261 -14.43 -57.33 19.20
CA ASN B 261 -13.69 -58.47 19.74
C ASN B 261 -12.38 -58.65 18.99
N LEU B 262 -11.36 -59.10 19.72
CA LEU B 262 -10.05 -59.33 19.14
C LEU B 262 -9.35 -60.51 19.81
#